data_8QM1
#
_entry.id   8QM1
#
_cell.length_a   72.065
_cell.length_b   65.159
_cell.length_c   84.816
_cell.angle_alpha   90.00
_cell.angle_beta   102.04
_cell.angle_gamma   90.00
#
_symmetry.space_group_name_H-M   'P 1 21 1'
#
loop_
_entity.id
_entity.type
_entity.pdbx_description
1 polymer '3-oxoacyl-[acyl-carrier-protein] synthase 2'
2 non-polymer 'DIMETHYL SULFOXIDE'
3 non-polymer 'FORMIC ACID'
4 non-polymer '(2S, 3R)-3-HYDROXY-4-OXO-7,10-TRANS,TRANS-DODECADIENAMIDE'
5 non-polymer 'PHOSPHATE ION'
6 water water
#
_entity_poly.entity_id   1
_entity_poly.type   'polypeptide(L)'
_entity_poly.pdbx_seq_one_letter_code
;SMSRRRVVITGMGMLSPLGLDVPSSWEGILAGRSGIAPIEHMDLSAYSTRFGGSVKGFNVEEYLSAKEARKLDLFIQYGL
AASFQAVRDSGLEVTDANRERIGVSMGSGIGGLTNIENNCRSLFEQGPRRISPFFVPGSIINMVSGFLSIHLGLQGPNYA
LTTACTTGTHSIGMAARNIAYGEADVMVAGGSEMAACGLGLGGFGAARALSTRNDEPTRASRPWDRDRDGFVLSDGSGAL
VLEELEHARARGARIYAELVGFGMSGDAFHMTAPPEDGAGAARCMKNALRDAGLDPRQVDYINAHGTSTPAGDIAEIAAV
KSVFGEHAHALSMSSTKSMTGHLLGAAGAVEAIFSVLALRDQVAPPTINLDNPDEGCDLDLVAHEAKPRKIDVALSNSFG
FGGTNGTLVFRRFAD
;
_entity_poly.pdbx_strand_id   A,B
#
# COMPACT_ATOMS: atom_id res chain seq x y z
N SER A 3 -21.43 4.34 17.46
CA SER A 3 -21.35 2.86 17.70
C SER A 3 -19.92 2.33 17.47
N ARG A 4 -18.98 3.16 16.97
CA ARG A 4 -17.59 2.74 16.66
C ARG A 4 -16.74 2.95 17.93
N ARG A 5 -15.70 2.14 18.10
CA ARG A 5 -14.91 2.09 19.36
C ARG A 5 -13.81 3.16 19.37
N ARG A 6 -13.39 3.58 20.56
CA ARG A 6 -12.30 4.58 20.74
C ARG A 6 -10.95 3.88 20.66
N VAL A 7 -9.93 4.59 20.18
CA VAL A 7 -8.59 4.05 19.84
C VAL A 7 -7.56 4.94 20.54
N VAL A 8 -6.66 4.30 21.27
CA VAL A 8 -5.62 5.03 22.05
C VAL A 8 -4.25 4.47 21.64
N ILE A 9 -3.23 5.26 21.91
CA ILE A 9 -1.79 4.94 21.65
C ILE A 9 -1.19 4.45 22.97
N THR A 10 -0.73 3.21 23.01
CA THR A 10 -0.23 2.52 24.22
C THR A 10 1.27 2.20 24.07
N GLY A 11 1.84 2.35 22.86
CA GLY A 11 3.27 2.11 22.59
C GLY A 11 3.77 2.90 21.37
N MET A 12 5.03 3.34 21.41
CA MET A 12 5.66 4.07 20.28
C MET A 12 7.10 3.62 20.11
N GLY A 13 7.54 3.55 18.86
CA GLY A 13 8.90 3.18 18.45
C GLY A 13 9.40 4.08 17.33
N MET A 14 10.71 4.30 17.24
CA MET A 14 11.29 5.21 16.23
C MET A 14 12.78 4.93 16.00
N LEU A 15 13.21 5.01 14.74
CA LEU A 15 14.59 5.35 14.33
C LEU A 15 14.48 6.66 13.56
N SER A 16 15.27 7.65 13.95
CA SER A 16 15.29 8.96 13.26
C SER A 16 16.73 9.42 13.12
N PRO A 17 16.97 10.43 12.26
CA PRO A 17 18.26 11.12 12.24
C PRO A 17 18.66 11.69 13.60
N LEU A 18 17.73 11.82 14.55
CA LEU A 18 18.00 12.44 15.87
C LEU A 18 18.27 11.40 16.95
N GLY A 19 18.00 10.12 16.71
CA GLY A 19 18.17 9.07 17.74
C GLY A 19 17.63 7.72 17.32
N LEU A 20 18.02 6.69 18.07
CA LEU A 20 17.74 5.25 17.77
C LEU A 20 16.52 4.79 18.57
N ASP A 21 15.81 5.72 19.22
CA ASP A 21 14.51 5.43 19.89
C ASP A 21 13.74 6.74 20.01
N VAL A 22 12.56 6.66 20.63
CA VAL A 22 11.65 7.82 20.79
C VAL A 22 12.26 8.85 21.73
N PRO A 23 12.59 8.50 23.01
N PRO A 23 12.58 8.49 23.00
CA PRO A 23 13.08 9.49 23.96
CA PRO A 23 13.08 9.48 23.97
C PRO A 23 14.30 10.25 23.45
C PRO A 23 14.30 10.25 23.45
N SER A 24 15.26 9.57 22.81
CA SER A 24 16.49 10.21 22.28
C SER A 24 16.12 11.15 21.12
N SER A 25 15.21 10.73 20.24
CA SER A 25 14.72 11.55 19.11
C SER A 25 14.00 12.78 19.65
N TRP A 26 13.11 12.59 20.63
CA TRP A 26 12.29 13.68 21.22
C TRP A 26 13.19 14.69 21.95
N GLU A 27 14.26 14.23 22.60
CA GLU A 27 15.26 15.14 23.23
C GLU A 27 15.83 16.05 22.13
N GLY A 28 16.24 15.47 20.99
CA GLY A 28 16.75 16.23 19.83
C GLY A 28 15.76 17.29 19.38
N ILE A 29 14.49 16.91 19.25
CA ILE A 29 13.39 17.80 18.78
C ILE A 29 13.29 19.02 19.72
N LEU A 30 13.14 18.78 21.03
CA LEU A 30 12.96 19.88 22.02
C LEU A 30 14.22 20.73 22.14
N ALA A 31 15.41 20.20 21.81
CA ALA A 31 16.69 20.96 21.89
C ALA A 31 16.96 21.77 20.60
N GLY A 32 16.15 21.64 19.55
CA GLY A 32 16.37 22.35 18.27
C GLY A 32 17.55 21.79 17.51
N ARG A 33 17.90 20.52 17.72
CA ARG A 33 19.08 19.84 17.13
C ARG A 33 18.72 19.39 15.69
N SER A 34 19.63 19.56 14.74
CA SER A 34 19.56 18.99 13.37
C SER A 34 20.21 17.60 13.36
N GLY A 35 19.60 16.64 12.67
CA GLY A 35 20.18 15.31 12.39
C GLY A 35 20.70 15.21 10.96
N ILE A 36 20.84 16.34 10.28
CA ILE A 36 21.22 16.44 8.85
C ILE A 36 22.74 16.63 8.74
N ALA A 37 23.41 15.84 7.90
CA ALA A 37 24.88 15.87 7.73
C ALA A 37 25.25 15.33 6.35
N PRO A 38 26.45 15.69 5.82
CA PRO A 38 26.99 15.06 4.62
C PRO A 38 26.79 13.53 4.71
N ILE A 39 26.33 12.93 3.62
CA ILE A 39 26.15 11.46 3.54
C ILE A 39 27.53 10.82 3.36
N GLU A 40 27.77 9.69 4.04
CA GLU A 40 29.10 9.05 4.14
C GLU A 40 29.06 7.62 3.61
N HIS A 41 27.88 7.02 3.47
CA HIS A 41 27.75 5.61 3.07
C HIS A 41 27.83 5.48 1.55
N MET A 42 27.89 6.58 0.80
CA MET A 42 28.09 6.50 -0.67
C MET A 42 28.78 7.76 -1.21
N ASP A 43 29.40 7.62 -2.37
CA ASP A 43 30.05 8.72 -3.13
C ASP A 43 28.97 9.53 -3.85
N LEU A 44 28.75 10.78 -3.46
CA LEU A 44 27.70 11.66 -4.02
C LEU A 44 28.32 12.79 -4.87
N SER A 45 29.57 12.64 -5.32
CA SER A 45 30.32 13.71 -6.05
CA SER A 45 30.33 13.68 -6.07
C SER A 45 29.53 14.20 -7.28
N ALA A 46 28.94 13.30 -8.06
CA ALA A 46 28.22 13.62 -9.32
C ALA A 46 26.78 14.12 -9.05
N TYR A 47 26.35 14.16 -7.79
CA TYR A 47 24.98 14.54 -7.36
C TYR A 47 24.96 16.01 -6.93
N SER A 48 23.85 16.72 -7.15
CA SER A 48 23.69 18.15 -6.74
C SER A 48 23.31 18.29 -5.25
N THR A 49 22.94 17.20 -4.58
CA THR A 49 22.68 17.12 -3.11
C THR A 49 23.51 15.99 -2.51
N ARG A 50 24.29 16.30 -1.46
CA ARG A 50 25.34 15.41 -0.91
C ARG A 50 25.14 15.18 0.60
N PHE A 51 23.98 15.55 1.14
CA PHE A 51 23.66 15.51 2.59
C PHE A 51 22.21 15.03 2.76
N GLY A 52 21.89 14.54 3.96
CA GLY A 52 20.55 14.09 4.34
C GLY A 52 20.52 13.68 5.80
N GLY A 53 19.38 13.14 6.23
CA GLY A 53 19.15 12.64 7.58
C GLY A 53 19.39 11.16 7.63
N SER A 54 20.58 10.75 8.05
CA SER A 54 20.93 9.30 8.19
C SER A 54 20.59 8.85 9.60
N VAL A 55 20.19 7.59 9.75
CA VAL A 55 20.15 6.87 11.05
C VAL A 55 21.60 6.56 11.43
N LYS A 56 22.07 7.06 12.58
CA LYS A 56 23.46 6.88 13.06
C LYS A 56 23.56 5.76 14.10
N GLY A 57 24.37 4.75 13.85
CA GLY A 57 24.78 3.76 14.87
C GLY A 57 23.77 2.65 15.07
N PHE A 58 22.90 2.42 14.10
CA PHE A 58 21.83 1.42 14.21
C PHE A 58 22.47 0.04 14.36
N ASN A 59 22.02 -0.72 15.36
CA ASN A 59 22.47 -2.12 15.58
C ASN A 59 21.27 -3.06 15.45
N VAL A 60 21.08 -3.64 14.27
CA VAL A 60 19.94 -4.54 13.97
C VAL A 60 19.97 -5.76 14.91
N GLU A 61 21.15 -6.14 15.42
CA GLU A 61 21.35 -7.40 16.18
C GLU A 61 20.76 -7.26 17.58
N GLU A 62 20.33 -6.05 17.96
CA GLU A 62 19.49 -5.80 19.15
C GLU A 62 18.08 -6.37 18.93
N TYR A 63 17.72 -6.73 17.71
CA TYR A 63 16.32 -7.13 17.33
C TYR A 63 16.32 -8.49 16.62
N LEU A 64 17.28 -8.72 15.73
CA LEU A 64 17.32 -9.94 14.88
C LEU A 64 18.66 -10.64 15.01
N SER A 65 18.69 -11.94 14.68
CA SER A 65 19.92 -12.71 14.40
C SER A 65 20.56 -12.20 13.09
N ALA A 66 21.88 -12.33 12.95
CA ALA A 66 22.64 -12.05 11.71
C ALA A 66 21.90 -12.67 10.51
N LYS A 67 21.42 -13.91 10.67
CA LYS A 67 20.77 -14.68 9.57
C LYS A 67 19.47 -13.98 9.19
N GLU A 68 18.68 -13.59 10.20
CA GLU A 68 17.37 -12.90 10.02
C GLU A 68 17.57 -11.58 9.26
N ALA A 69 18.59 -10.79 9.61
CA ALA A 69 18.82 -9.40 9.11
C ALA A 69 19.44 -9.39 7.71
N ARG A 70 20.34 -10.34 7.40
CA ARG A 70 21.20 -10.30 6.18
C ARG A 70 20.34 -10.15 4.93
N LYS A 71 19.23 -10.85 4.84
CA LYS A 71 18.41 -10.82 3.61
C LYS A 71 17.55 -9.55 3.52
N LEU A 72 17.31 -8.87 4.63
CA LEU A 72 16.33 -7.77 4.65
C LEU A 72 16.91 -6.39 4.30
N ASP A 73 16.24 -5.68 3.39
CA ASP A 73 16.59 -4.28 3.07
C ASP A 73 16.57 -3.50 4.37
N LEU A 74 17.38 -2.45 4.46
CA LEU A 74 17.38 -1.52 5.62
C LEU A 74 15.96 -1.02 5.92
N PHE A 75 15.11 -0.75 4.92
CA PHE A 75 13.77 -0.18 5.21
C PHE A 75 13.00 -1.19 6.08
N ILE A 76 13.23 -2.49 5.89
CA ILE A 76 12.56 -3.55 6.71
C ILE A 76 13.21 -3.64 8.09
N GLN A 77 14.55 -3.59 8.14
CA GLN A 77 15.29 -3.54 9.42
C GLN A 77 14.76 -2.38 10.25
N TYR A 78 14.65 -1.19 9.66
CA TYR A 78 14.26 0.06 10.38
C TYR A 78 12.81 -0.09 10.87
N GLY A 79 11.95 -0.66 10.03
CA GLY A 79 10.52 -0.83 10.34
C GLY A 79 10.31 -1.83 11.46
N LEU A 80 11.04 -2.94 11.44
CA LEU A 80 11.00 -3.99 12.48
C LEU A 80 11.52 -3.43 13.81
N ALA A 81 12.61 -2.67 13.79
CA ALA A 81 13.18 -2.02 15.00
C ALA A 81 12.16 -1.09 15.66
N ALA A 82 11.55 -0.15 14.92
CA ALA A 82 10.49 0.76 15.41
C ALA A 82 9.30 -0.06 15.93
N SER A 83 8.88 -1.08 15.19
CA SER A 83 7.73 -1.95 15.53
C SER A 83 8.03 -2.64 16.86
N PHE A 84 9.18 -3.29 16.97
CA PHE A 84 9.55 -4.10 18.15
C PHE A 84 9.58 -3.15 19.36
N GLN A 85 10.12 -1.94 19.19
CA GLN A 85 10.16 -0.91 20.25
C GLN A 85 8.73 -0.59 20.72
N ALA A 86 7.78 -0.47 19.78
CA ALA A 86 6.40 -0.02 20.07
C ALA A 86 5.68 -1.12 20.85
N VAL A 87 5.84 -2.38 20.43
CA VAL A 87 5.22 -3.56 21.10
C VAL A 87 5.78 -3.69 22.53
N ARG A 88 7.11 -3.70 22.69
CA ARG A 88 7.76 -3.65 24.02
C ARG A 88 7.17 -2.49 24.85
N ASP A 89 7.12 -1.30 24.28
CA ASP A 89 6.70 -0.04 24.98
C ASP A 89 5.24 -0.18 25.41
N SER A 90 4.43 -1.02 24.74
CA SER A 90 2.98 -1.18 25.05
C SER A 90 2.81 -2.09 26.27
N GLY A 91 3.75 -3.00 26.52
CA GLY A 91 3.63 -4.02 27.58
C GLY A 91 2.64 -5.09 27.18
N LEU A 92 2.20 -5.11 25.92
CA LEU A 92 1.20 -6.09 25.41
C LEU A 92 1.79 -7.50 25.42
N GLU A 93 1.01 -8.44 25.93
CA GLU A 93 1.40 -9.87 25.83
C GLU A 93 0.53 -10.53 24.78
N VAL A 94 1.15 -11.15 23.79
CA VAL A 94 0.47 -11.86 22.68
C VAL A 94 0.28 -13.30 23.12
N THR A 95 -0.95 -13.79 23.01
CA THR A 95 -1.40 -15.12 23.49
C THR A 95 -2.29 -15.75 22.42
N ASP A 96 -2.61 -17.02 22.60
CA ASP A 96 -3.59 -17.72 21.74
C ASP A 96 -4.92 -16.98 21.80
N ALA A 97 -5.21 -16.30 22.91
CA ALA A 97 -6.52 -15.65 23.16
C ALA A 97 -6.65 -14.34 22.40
N ASN A 98 -5.56 -13.63 22.09
CA ASN A 98 -5.66 -12.28 21.47
C ASN A 98 -4.95 -12.19 20.11
N ARG A 99 -4.28 -13.25 19.64
CA ARG A 99 -3.35 -13.11 18.47
C ARG A 99 -4.12 -12.84 17.16
N GLU A 100 -5.35 -13.32 17.02
CA GLU A 100 -6.18 -13.11 15.81
C GLU A 100 -6.77 -11.71 15.82
N ARG A 101 -6.61 -10.97 16.92
CA ARG A 101 -7.16 -9.61 17.13
C ARG A 101 -6.04 -8.59 17.02
N ILE A 102 -4.80 -9.03 16.79
CA ILE A 102 -3.63 -8.10 16.65
C ILE A 102 -3.09 -8.17 15.23
N GLY A 103 -3.13 -7.04 14.53
CA GLY A 103 -2.65 -6.93 13.15
C GLY A 103 -1.57 -5.89 12.99
N VAL A 104 -1.17 -5.68 11.74
CA VAL A 104 0.02 -4.85 11.39
C VAL A 104 -0.29 -4.10 10.11
N SER A 105 0.02 -2.82 10.08
CA SER A 105 0.00 -2.01 8.84
C SER A 105 1.19 -1.06 8.87
N MET A 106 2.35 -1.57 8.46
CA MET A 106 3.58 -0.77 8.27
C MET A 106 3.81 -0.59 6.77
N GLY A 107 3.90 0.66 6.33
CA GLY A 107 4.08 0.98 4.91
C GLY A 107 5.42 1.61 4.62
N SER A 108 5.63 1.95 3.36
CA SER A 108 6.87 2.59 2.81
C SER A 108 6.50 3.28 1.50
N GLY A 109 7.16 4.39 1.17
CA GLY A 109 7.08 5.03 -0.16
C GLY A 109 7.50 4.10 -1.30
N ILE A 110 8.71 3.55 -1.25
CA ILE A 110 9.31 2.76 -2.36
C ILE A 110 9.92 1.45 -1.84
N GLY A 111 10.05 1.28 -0.52
CA GLY A 111 10.54 0.02 0.05
C GLY A 111 12.01 -0.20 -0.26
N GLY A 112 12.37 -1.34 -0.84
CA GLY A 112 13.74 -1.87 -0.77
C GLY A 112 14.64 -1.36 -1.89
N LEU A 113 14.81 -0.05 -1.98
CA LEU A 113 15.51 0.59 -3.12
C LEU A 113 17.00 0.20 -3.14
N THR A 114 17.66 0.23 -1.98
CA THR A 114 19.09 -0.16 -1.84
C THR A 114 19.25 -1.60 -2.34
N ASN A 115 18.39 -2.52 -1.90
CA ASN A 115 18.40 -3.94 -2.36
C ASN A 115 18.19 -4.01 -3.88
N ILE A 116 17.26 -3.22 -4.41
CA ILE A 116 16.96 -3.20 -5.86
C ILE A 116 18.21 -2.75 -6.59
N GLU A 117 18.88 -1.69 -6.12
CA GLU A 117 20.13 -1.14 -6.73
C GLU A 117 21.21 -2.22 -6.76
N ASN A 118 21.35 -2.97 -5.67
CA ASN A 118 22.41 -3.99 -5.48
C ASN A 118 22.11 -5.21 -6.38
N ASN A 119 20.86 -5.64 -6.46
CA ASN A 119 20.51 -6.81 -7.31
C ASN A 119 20.62 -6.38 -8.78
N CYS A 120 20.38 -5.12 -9.08
CA CYS A 120 20.55 -4.62 -10.46
C CYS A 120 22.03 -4.60 -10.85
N ARG A 121 22.91 -4.14 -9.96
CA ARG A 121 24.37 -4.17 -10.28
C ARG A 121 24.73 -5.60 -10.72
N SER A 122 24.40 -6.60 -9.91
CA SER A 122 24.70 -8.02 -10.18
C SER A 122 24.11 -8.44 -11.53
N LEU A 123 22.85 -8.07 -11.80
CA LEU A 123 22.12 -8.45 -13.04
C LEU A 123 22.83 -7.87 -14.25
N PHE A 124 23.23 -6.60 -14.21
CA PHE A 124 23.85 -5.89 -15.35
C PHE A 124 25.29 -6.40 -15.57
N GLU A 125 26.06 -6.52 -14.48
CA GLU A 125 27.50 -6.90 -14.53
C GLU A 125 27.64 -8.39 -14.86
N GLN A 126 26.82 -9.27 -14.27
CA GLN A 126 27.05 -10.73 -14.22
C GLN A 126 25.83 -11.51 -14.73
N GLY A 127 24.63 -10.93 -14.73
CA GLY A 127 23.41 -11.60 -15.21
C GLY A 127 22.58 -12.17 -14.07
N PRO A 128 21.42 -12.76 -14.39
CA PRO A 128 20.38 -13.07 -13.40
C PRO A 128 20.68 -14.23 -12.44
N ARG A 129 21.73 -15.00 -12.71
CA ARG A 129 22.15 -16.09 -11.80
C ARG A 129 22.77 -15.47 -10.55
N ARG A 130 23.08 -14.18 -10.58
CA ARG A 130 23.70 -13.47 -9.44
C ARG A 130 22.67 -12.65 -8.63
N ILE A 131 21.38 -12.78 -8.95
CA ILE A 131 20.32 -12.14 -8.13
C ILE A 131 20.11 -13.01 -6.88
N SER A 132 19.93 -12.39 -5.72
CA SER A 132 19.69 -13.13 -4.45
C SER A 132 18.37 -13.87 -4.52
N PRO A 133 18.31 -15.17 -4.12
CA PRO A 133 17.03 -15.84 -3.92
C PRO A 133 16.08 -15.09 -2.97
N PHE A 134 16.62 -14.22 -2.11
CA PHE A 134 15.88 -13.48 -1.07
C PHE A 134 15.53 -12.06 -1.53
N PHE A 135 15.81 -11.72 -2.80
CA PHE A 135 15.60 -10.36 -3.34
C PHE A 135 14.14 -9.92 -3.14
N VAL A 136 13.18 -10.71 -3.61
CA VAL A 136 11.73 -10.38 -3.55
C VAL A 136 11.29 -10.32 -2.08
N PRO A 137 11.30 -11.43 -1.30
CA PRO A 137 10.81 -11.41 0.08
C PRO A 137 11.60 -10.42 0.94
N GLY A 138 12.82 -10.05 0.52
CA GLY A 138 13.70 -9.14 1.26
C GLY A 138 13.53 -7.68 0.88
N SER A 139 12.71 -7.35 -0.13
CA SER A 139 12.71 -6.00 -0.74
C SER A 139 11.32 -5.37 -0.81
N ILE A 140 10.25 -6.17 -0.89
CA ILE A 140 8.88 -5.62 -1.19
C ILE A 140 8.27 -5.06 0.09
N ILE A 141 7.42 -4.05 -0.06
CA ILE A 141 7.02 -3.07 0.99
C ILE A 141 6.25 -3.78 2.13
N ASN A 142 5.47 -4.80 1.81
CA ASN A 142 4.57 -5.46 2.79
C ASN A 142 5.34 -6.34 3.77
N MET A 143 6.68 -6.42 3.69
CA MET A 143 7.44 -7.46 4.45
C MET A 143 7.84 -6.95 5.84
N VAL A 144 7.69 -5.66 6.14
CA VAL A 144 7.72 -5.16 7.54
C VAL A 144 6.52 -5.78 8.28
N SER A 145 5.30 -5.55 7.76
CA SER A 145 4.06 -6.18 8.28
C SER A 145 4.21 -7.69 8.31
N GLY A 146 4.72 -8.28 7.24
CA GLY A 146 4.90 -9.74 7.12
C GLY A 146 5.83 -10.30 8.19
N PHE A 147 7.07 -9.78 8.28
CA PHE A 147 8.11 -10.29 9.21
C PHE A 147 7.67 -9.99 10.64
N LEU A 148 7.06 -8.83 10.91
CA LEU A 148 6.61 -8.52 12.28
C LEU A 148 5.56 -9.56 12.71
N SER A 149 4.58 -9.88 11.85
CA SER A 149 3.52 -10.87 12.15
C SER A 149 4.16 -12.24 12.39
N ILE A 150 5.14 -12.64 11.57
CA ILE A 150 5.83 -13.96 11.74
C ILE A 150 6.59 -13.98 13.07
N HIS A 151 7.38 -12.94 13.38
CA HIS A 151 8.20 -12.89 14.62
C HIS A 151 7.29 -12.94 15.86
N LEU A 152 6.18 -12.18 15.88
CA LEU A 152 5.35 -11.99 17.10
C LEU A 152 4.10 -12.88 17.10
N GLY A 153 3.87 -13.67 16.04
CA GLY A 153 2.68 -14.55 15.89
C GLY A 153 1.38 -13.76 15.79
N LEU A 154 1.38 -12.62 15.06
CA LEU A 154 0.21 -11.71 14.91
C LEU A 154 -0.64 -12.20 13.74
N GLN A 155 -1.92 -12.44 13.99
CA GLN A 155 -2.80 -13.10 13.00
C GLN A 155 -3.94 -12.16 12.62
N GLY A 156 -3.98 -10.93 13.16
CA GLY A 156 -4.96 -9.92 12.76
C GLY A 156 -4.74 -9.42 11.33
N PRO A 157 -5.48 -8.38 10.90
CA PRO A 157 -5.29 -7.82 9.56
C PRO A 157 -3.80 -7.54 9.29
N ASN A 158 -3.33 -7.98 8.12
CA ASN A 158 -1.91 -7.83 7.72
C ASN A 158 -1.83 -7.14 6.35
N TYR A 159 -1.39 -5.90 6.32
CA TYR A 159 -1.32 -5.13 5.06
C TYR A 159 -0.29 -4.02 5.17
N ALA A 160 -0.08 -3.36 4.04
CA ALA A 160 0.85 -2.23 3.92
C ALA A 160 0.22 -1.23 2.95
N LEU A 161 0.31 0.05 3.30
CA LEU A 161 -0.01 1.16 2.38
C LEU A 161 1.27 1.58 1.67
N THR A 162 1.13 2.16 0.49
CA THR A 162 2.22 2.95 -0.14
C THR A 162 1.53 4.16 -0.77
N THR A 163 1.52 5.28 -0.05
CA THR A 163 0.89 6.56 -0.49
C THR A 163 1.93 7.67 -0.42
N ALA A 164 3.13 7.40 -0.96
CA ALA A 164 4.22 8.40 -1.08
C ALA A 164 4.47 8.98 0.32
N CYS A 165 4.54 10.31 0.43
CA CYS A 165 4.90 10.99 1.70
C CYS A 165 3.74 10.97 2.67
N THR A 166 2.61 10.36 2.30
CA THR A 166 1.39 10.26 3.12
C THR A 166 1.32 8.89 3.79
N THR A 167 2.21 7.96 3.44
CA THR A 167 2.18 6.53 3.83
C THR A 167 2.03 6.34 5.34
N GLY A 168 2.80 7.05 6.15
CA GLY A 168 2.83 6.88 7.61
C GLY A 168 1.50 7.29 8.23
N THR A 169 0.98 8.44 7.80
CA THR A 169 -0.30 9.03 8.25
C THR A 169 -1.46 8.09 7.90
N HIS A 170 -1.54 7.66 6.65
CA HIS A 170 -2.61 6.73 6.17
C HIS A 170 -2.52 5.43 6.93
N SER A 171 -1.31 4.91 7.14
CA SER A 171 -1.12 3.58 7.77
C SER A 171 -1.72 3.65 9.18
N ILE A 172 -1.42 4.73 9.90
CA ILE A 172 -1.95 4.97 11.28
C ILE A 172 -3.49 5.13 11.23
N GLY A 173 -3.99 6.00 10.36
CA GLY A 173 -5.43 6.29 10.24
C GLY A 173 -6.25 5.05 9.94
N MET A 174 -5.83 4.25 8.95
CA MET A 174 -6.62 3.06 8.52
C MET A 174 -6.52 1.91 9.54
N ALA A 175 -5.41 1.76 10.26
CA ALA A 175 -5.24 0.79 11.36
C ALA A 175 -6.23 1.16 12.48
N ALA A 176 -6.35 2.45 12.78
CA ALA A 176 -7.31 3.02 13.77
C ALA A 176 -8.73 2.64 13.37
N ARG A 177 -9.05 2.81 12.10
CA ARG A 177 -10.34 2.40 11.51
C ARG A 177 -10.54 0.91 11.75
N ASN A 178 -9.55 0.07 11.49
CA ASN A 178 -9.65 -1.41 11.70
C ASN A 178 -10.17 -1.66 13.14
N ILE A 179 -9.63 -0.95 14.12
CA ILE A 179 -9.95 -1.16 15.55
C ILE A 179 -11.31 -0.54 15.84
N ALA A 180 -11.53 0.72 15.44
CA ALA A 180 -12.78 1.49 15.65
C ALA A 180 -13.98 0.65 15.21
N TYR A 181 -13.83 -0.09 14.12
CA TYR A 181 -14.92 -0.81 13.42
C TYR A 181 -14.87 -2.31 13.77
N GLY A 182 -14.01 -2.72 14.69
CA GLY A 182 -14.06 -4.05 15.31
C GLY A 182 -13.35 -5.13 14.50
N GLU A 183 -12.53 -4.78 13.49
CA GLU A 183 -11.75 -5.75 12.69
C GLU A 183 -10.55 -6.24 13.50
N ALA A 184 -10.11 -5.47 14.50
CA ALA A 184 -8.95 -5.80 15.37
C ALA A 184 -9.08 -5.04 16.69
N ASP A 185 -8.38 -5.49 17.73
CA ASP A 185 -8.35 -4.79 19.03
C ASP A 185 -7.03 -4.02 19.14
N VAL A 186 -5.99 -4.48 18.45
CA VAL A 186 -4.63 -3.86 18.48
C VAL A 186 -4.08 -3.82 17.05
N MET A 187 -3.42 -2.74 16.68
CA MET A 187 -2.69 -2.67 15.38
C MET A 187 -1.34 -2.00 15.64
N VAL A 188 -0.25 -2.60 15.13
CA VAL A 188 1.06 -1.90 14.99
C VAL A 188 1.08 -1.22 13.63
N ALA A 189 1.20 0.11 13.59
CA ALA A 189 1.05 0.89 12.35
C ALA A 189 2.12 1.98 12.28
N GLY A 190 2.58 2.26 11.08
CA GLY A 190 3.41 3.43 10.78
C GLY A 190 4.10 3.23 9.46
N GLY A 191 5.37 3.64 9.37
CA GLY A 191 6.11 3.63 8.11
C GLY A 191 7.60 3.56 8.32
N SER A 192 8.32 3.04 7.32
CA SER A 192 9.80 3.05 7.29
C SER A 192 10.28 3.40 5.88
N GLU A 193 11.41 4.11 5.78
CA GLU A 193 12.01 4.47 4.47
C GLU A 193 13.53 4.50 4.59
N MET A 194 14.16 3.95 3.57
CA MET A 194 15.62 4.08 3.31
CA MET A 194 15.61 4.10 3.32
C MET A 194 15.81 4.25 1.80
N ALA A 195 15.74 5.49 1.34
CA ALA A 195 15.89 5.85 -0.07
C ALA A 195 17.14 6.73 -0.22
N ALA A 196 18.03 6.73 0.77
CA ALA A 196 19.37 7.37 0.69
C ALA A 196 20.28 6.46 -0.13
N CYS A 197 19.97 6.30 -1.42
CA CYS A 197 20.80 5.63 -2.44
C CYS A 197 20.78 6.47 -3.72
N GLY A 198 21.43 5.99 -4.78
CA GLY A 198 21.60 6.73 -6.04
C GLY A 198 20.25 7.10 -6.63
N LEU A 199 19.34 6.13 -6.64
CA LEU A 199 17.99 6.27 -7.22
C LEU A 199 17.18 7.30 -6.45
N GLY A 200 17.27 7.30 -5.12
CA GLY A 200 16.54 8.24 -4.26
C GLY A 200 17.09 9.65 -4.40
N LEU A 201 18.37 9.84 -4.10
CA LEU A 201 18.99 11.19 -4.18
C LEU A 201 19.06 11.65 -5.64
N GLY A 202 19.28 10.74 -6.59
CA GLY A 202 19.29 11.07 -8.03
C GLY A 202 17.89 11.35 -8.57
N GLY A 203 16.92 10.49 -8.20
CA GLY A 203 15.49 10.61 -8.57
C GLY A 203 14.91 11.94 -8.13
N PHE A 204 15.03 12.28 -6.85
CA PHE A 204 14.48 13.56 -6.35
C PHE A 204 15.31 14.71 -6.92
N GLY A 205 16.61 14.49 -7.07
CA GLY A 205 17.53 15.46 -7.68
C GLY A 205 17.09 15.82 -9.10
N ALA A 206 16.78 14.82 -9.92
CA ALA A 206 16.36 14.98 -11.34
C ALA A 206 15.06 15.78 -11.41
N ALA A 207 14.18 15.63 -10.42
CA ALA A 207 12.90 16.38 -10.31
C ALA A 207 13.14 17.71 -9.58
N ARG A 208 14.38 18.01 -9.18
CA ARG A 208 14.76 19.32 -8.57
C ARG A 208 14.01 19.54 -7.25
N ALA A 209 13.66 18.48 -6.54
CA ALA A 209 12.79 18.57 -5.35
C ALA A 209 13.65 18.82 -4.10
N LEU A 210 14.95 18.56 -4.17
CA LEU A 210 15.85 18.52 -2.98
C LEU A 210 16.58 19.85 -2.83
N SER A 211 16.74 20.32 -1.58
CA SER A 211 17.70 21.39 -1.23
C SER A 211 19.09 21.01 -1.72
N THR A 212 19.78 21.97 -2.33
CA THR A 212 21.19 21.81 -2.79
C THR A 212 22.10 22.69 -1.94
N ARG A 213 21.77 23.01 -0.68
CA ARG A 213 22.61 23.88 0.20
C ARG A 213 23.70 23.02 0.85
N ASN A 214 24.51 22.36 0.03
CA ASN A 214 25.59 21.40 0.44
C ASN A 214 26.59 22.04 1.40
N ASP A 215 26.71 23.36 1.39
CA ASP A 215 27.71 24.10 2.20
C ASP A 215 27.21 24.22 3.65
N GLU A 216 25.90 24.18 3.90
CA GLU A 216 25.35 24.23 5.29
C GLU A 216 24.19 23.26 5.42
N PRO A 217 24.46 21.94 5.52
CA PRO A 217 23.41 20.92 5.51
C PRO A 217 22.39 21.07 6.65
N THR A 218 22.84 21.52 7.84
CA THR A 218 21.92 21.67 9.01
C THR A 218 21.01 22.89 8.79
N ARG A 219 21.36 23.81 7.87
CA ARG A 219 20.56 25.04 7.57
C ARG A 219 19.69 24.85 6.31
N ALA A 220 19.75 23.69 5.66
CA ALA A 220 19.08 23.39 4.37
C ALA A 220 17.57 23.27 4.57
N SER A 221 17.11 22.47 5.56
CA SER A 221 15.66 22.33 5.88
C SER A 221 15.20 23.57 6.64
N ARG A 222 14.46 24.49 5.99
CA ARG A 222 14.06 25.79 6.58
C ARG A 222 12.60 26.11 6.21
N PRO A 223 11.62 25.32 6.70
CA PRO A 223 10.21 25.54 6.37
C PRO A 223 9.73 26.98 6.57
N TRP A 224 9.02 27.54 5.58
CA TRP A 224 8.38 28.88 5.58
C TRP A 224 9.42 30.01 5.55
N ASP A 225 10.71 29.69 5.44
CA ASP A 225 11.78 30.72 5.35
C ASP A 225 11.95 31.12 3.87
N ARG A 226 12.22 32.39 3.60
CA ARG A 226 12.22 32.93 2.22
C ARG A 226 13.35 32.28 1.38
N ASP A 227 14.40 31.72 2.00
CA ASP A 227 15.59 31.21 1.29
C ASP A 227 15.51 29.68 1.12
N ARG A 228 14.36 29.07 1.37
CA ARG A 228 14.14 27.60 1.27
C ARG A 228 14.29 27.17 -0.19
N ASP A 229 14.80 25.96 -0.44
CA ASP A 229 15.12 25.52 -1.83
C ASP A 229 14.85 24.02 -1.99
N GLY A 230 13.85 23.48 -1.28
CA GLY A 230 13.43 22.07 -1.38
C GLY A 230 13.72 21.28 -0.12
N PHE A 231 13.26 20.03 -0.08
CA PHE A 231 13.27 19.20 1.15
C PHE A 231 14.61 18.49 1.25
N VAL A 232 14.82 17.89 2.41
CA VAL A 232 16.05 17.15 2.80
C VAL A 232 15.64 15.69 2.94
N LEU A 233 16.26 14.81 2.16
CA LEU A 233 15.96 13.37 2.18
C LEU A 233 16.48 12.77 3.49
N SER A 234 15.61 12.09 4.23
CA SER A 234 16.00 11.52 5.53
C SER A 234 15.50 10.08 5.67
N ASP A 235 16.12 9.30 6.55
CA ASP A 235 15.83 7.85 6.70
C ASP A 235 15.31 7.55 8.11
N GLY A 236 14.58 6.46 8.23
CA GLY A 236 14.12 6.07 9.57
C GLY A 236 12.77 5.41 9.57
N SER A 237 12.18 5.30 10.76
CA SER A 237 10.89 4.59 10.92
C SER A 237 10.14 5.07 12.15
N GLY A 238 8.82 4.97 12.12
CA GLY A 238 7.94 5.25 13.26
C GLY A 238 6.89 4.17 13.30
N ALA A 239 6.55 3.71 14.50
CA ALA A 239 5.53 2.67 14.72
C ALA A 239 4.80 2.99 16.02
N LEU A 240 3.48 2.88 15.96
CA LEU A 240 2.62 3.10 17.14
CA LEU A 240 2.60 3.10 17.13
C LEU A 240 1.85 1.80 17.39
N VAL A 241 1.65 1.44 18.66
CA VAL A 241 0.67 0.39 19.02
C VAL A 241 -0.65 1.14 19.24
N LEU A 242 -1.60 0.87 18.35
CA LEU A 242 -2.99 1.39 18.48
CA LEU A 242 -2.99 1.38 18.47
C LEU A 242 -3.81 0.30 19.16
N GLU A 243 -4.70 0.70 20.06
CA GLU A 243 -5.44 -0.26 20.90
C GLU A 243 -6.84 0.28 21.22
N GLU A 244 -7.84 -0.60 21.18
CA GLU A 244 -9.21 -0.23 21.60
C GLU A 244 -9.16 0.18 23.07
N LEU A 245 -9.90 1.22 23.45
CA LEU A 245 -9.82 1.86 24.79
C LEU A 245 -10.05 0.83 25.90
N GLU A 246 -11.11 0.00 25.82
CA GLU A 246 -11.46 -0.94 26.92
C GLU A 246 -10.40 -2.04 27.02
N HIS A 247 -9.89 -2.55 25.89
CA HIS A 247 -8.81 -3.57 25.87
C HIS A 247 -7.58 -2.99 26.61
N ALA A 248 -7.29 -1.70 26.40
CA ALA A 248 -6.16 -0.98 27.04
C ALA A 248 -6.41 -0.86 28.55
N ARG A 249 -7.55 -0.30 28.95
CA ARG A 249 -7.96 -0.13 30.36
C ARG A 249 -7.95 -1.49 31.06
N ALA A 250 -8.48 -2.53 30.42
CA ALA A 250 -8.64 -3.90 30.99
C ALA A 250 -7.27 -4.48 31.39
N ARG A 251 -6.23 -4.26 30.59
CA ARG A 251 -4.89 -4.85 30.88
C ARG A 251 -4.01 -3.84 31.64
N GLY A 252 -4.53 -2.66 32.00
CA GLY A 252 -3.77 -1.66 32.77
C GLY A 252 -2.71 -0.95 31.93
N ALA A 253 -2.96 -0.76 30.64
CA ALA A 253 -1.98 -0.17 29.70
C ALA A 253 -1.76 1.31 30.05
N ARG A 254 -0.54 1.78 29.90
CA ARG A 254 -0.22 3.23 29.93
CA ARG A 254 -0.22 3.23 29.93
C ARG A 254 -0.70 3.84 28.61
N ILE A 255 -1.56 4.86 28.67
CA ILE A 255 -2.18 5.49 27.47
C ILE A 255 -1.51 6.81 27.19
N TYR A 256 -0.84 6.97 26.04
CA TYR A 256 -0.17 8.25 25.66
C TYR A 256 -1.20 9.32 25.28
N ALA A 257 -2.19 8.95 24.47
CA ALA A 257 -3.13 9.89 23.84
C ALA A 257 -4.25 9.11 23.16
N GLU A 258 -5.31 9.81 22.78
CA GLU A 258 -6.41 9.21 22.00
C GLU A 258 -6.28 9.72 20.55
N LEU A 259 -6.41 8.78 19.61
CA LEU A 259 -6.57 9.06 18.17
CA LEU A 259 -6.58 9.08 18.17
C LEU A 259 -8.07 9.27 17.89
N VAL A 260 -8.47 10.52 17.68
CA VAL A 260 -9.90 10.92 17.60
C VAL A 260 -10.35 11.13 16.15
N GLY A 261 -9.46 11.64 15.30
CA GLY A 261 -9.79 11.99 13.91
C GLY A 261 -8.78 11.44 12.91
N PHE A 262 -9.29 10.95 11.79
CA PHE A 262 -8.52 10.64 10.58
C PHE A 262 -9.26 11.20 9.35
N GLY A 263 -8.54 11.92 8.51
CA GLY A 263 -9.02 12.46 7.23
C GLY A 263 -8.11 12.06 6.09
N MET A 264 -8.73 11.69 4.97
CA MET A 264 -8.06 11.61 3.66
C MET A 264 -8.82 12.51 2.67
N SER A 265 -8.18 12.74 1.53
CA SER A 265 -8.70 13.54 0.40
C SER A 265 -7.68 13.46 -0.72
N GLY A 266 -8.11 13.66 -1.96
CA GLY A 266 -7.23 13.87 -3.12
C GLY A 266 -7.32 15.31 -3.55
N ASP A 267 -6.20 15.91 -3.92
CA ASP A 267 -6.16 17.24 -4.59
C ASP A 267 -6.79 17.11 -5.97
N ALA A 268 -6.47 16.03 -6.70
CA ALA A 268 -6.82 15.83 -8.12
C ALA A 268 -6.42 17.09 -8.89
N PHE A 269 -5.23 17.61 -8.58
CA PHE A 269 -4.66 18.84 -9.15
C PHE A 269 -3.46 18.49 -10.05
N HIS A 270 -2.42 17.86 -9.50
CA HIS A 270 -1.10 17.67 -10.17
C HIS A 270 -0.30 16.53 -9.54
N MET A 271 0.56 15.88 -10.34
CA MET A 271 1.32 14.66 -9.95
C MET A 271 2.30 15.00 -8.81
N THR A 272 2.83 16.23 -8.74
CA THR A 272 3.88 16.60 -7.76
C THR A 272 3.62 17.94 -7.07
N ALA A 273 2.93 18.90 -7.68
CA ALA A 273 2.73 20.24 -7.08
C ALA A 273 1.38 20.26 -6.37
N PRO A 274 1.26 20.96 -5.23
CA PRO A 274 -0.02 21.17 -4.56
C PRO A 274 -0.72 22.39 -5.16
N PRO A 275 -2.06 22.49 -5.05
CA PRO A 275 -2.74 23.73 -5.45
C PRO A 275 -2.30 24.87 -4.54
N GLU A 276 -2.08 26.07 -5.11
CA GLU A 276 -1.60 27.32 -4.45
C GLU A 276 -2.33 27.59 -3.13
N ASP A 277 -3.66 27.41 -3.11
CA ASP A 277 -4.60 27.73 -2.01
C ASP A 277 -4.76 26.53 -1.04
N GLY A 278 -4.11 25.39 -1.35
CA GLY A 278 -4.07 24.21 -0.45
C GLY A 278 -5.46 23.65 -0.20
N ALA A 279 -6.30 23.64 -1.24
CA ALA A 279 -7.74 23.33 -1.12
C ALA A 279 -7.89 21.87 -0.70
N GLY A 280 -7.01 20.97 -1.18
CA GLY A 280 -7.05 19.53 -0.86
C GLY A 280 -6.71 19.28 0.62
N ALA A 281 -5.65 19.93 1.08
CA ALA A 281 -5.20 19.90 2.49
C ALA A 281 -6.34 20.41 3.38
N ALA A 282 -6.99 21.51 2.97
CA ALA A 282 -8.09 22.16 3.71
C ALA A 282 -9.25 21.17 3.87
N ARG A 283 -9.68 20.55 2.76
CA ARG A 283 -10.71 19.48 2.77
C ARG A 283 -10.30 18.36 3.73
N CYS A 284 -9.05 17.91 3.63
CA CYS A 284 -8.54 16.78 4.43
C CYS A 284 -8.59 17.14 5.93
N MET A 285 -8.08 18.31 6.30
CA MET A 285 -8.12 18.74 7.72
C MET A 285 -9.58 18.81 8.21
N LYS A 286 -10.48 19.37 7.41
CA LYS A 286 -11.93 19.45 7.77
C LYS A 286 -12.52 18.04 7.90
N ASN A 287 -12.13 17.10 7.05
CA ASN A 287 -12.67 15.72 7.15
C ASN A 287 -12.26 15.10 8.49
N ALA A 288 -11.02 15.32 8.92
CA ALA A 288 -10.44 14.78 10.17
C ALA A 288 -11.15 15.37 11.40
N LEU A 289 -11.34 16.69 11.42
CA LEU A 289 -12.04 17.43 12.51
C LEU A 289 -13.50 16.97 12.57
N ARG A 290 -14.18 16.83 11.43
CA ARG A 290 -15.57 16.29 11.37
C ARG A 290 -15.54 14.87 11.94
N ASP A 291 -14.58 14.05 11.53
CA ASP A 291 -14.41 12.64 11.99
C ASP A 291 -14.27 12.64 13.53
N ALA A 292 -13.61 13.65 14.09
CA ALA A 292 -13.31 13.81 15.53
C ALA A 292 -14.48 14.46 16.28
N GLY A 293 -15.45 15.03 15.57
CA GLY A 293 -16.56 15.81 16.17
C GLY A 293 -16.03 17.04 16.89
N LEU A 294 -15.04 17.73 16.32
CA LEU A 294 -14.35 18.89 16.93
C LEU A 294 -14.59 20.16 16.11
N ASP A 295 -14.73 21.30 16.81
CA ASP A 295 -14.67 22.66 16.25
C ASP A 295 -13.22 22.93 15.92
N PRO A 296 -12.91 23.61 14.78
CA PRO A 296 -11.55 24.03 14.50
C PRO A 296 -10.84 24.75 15.66
N ARG A 297 -11.59 25.44 16.53
CA ARG A 297 -11.00 26.27 17.63
C ARG A 297 -10.43 25.39 18.75
N GLN A 298 -10.71 24.08 18.73
CA GLN A 298 -10.20 23.08 19.70
C GLN A 298 -8.80 22.62 19.35
N VAL A 299 -8.31 22.89 18.14
CA VAL A 299 -6.92 22.54 17.72
C VAL A 299 -5.95 23.58 18.30
N ASP A 300 -4.92 23.11 19.00
CA ASP A 300 -3.90 23.96 19.69
C ASP A 300 -2.55 23.86 19.01
N TYR A 301 -2.24 22.68 18.46
CA TYR A 301 -0.93 22.38 17.82
C TYR A 301 -1.13 21.64 16.50
N ILE A 302 -0.50 22.14 15.44
CA ILE A 302 -0.40 21.45 14.12
C ILE A 302 1.07 21.12 13.89
N ASN A 303 1.35 19.84 13.69
CA ASN A 303 2.61 19.32 13.13
C ASN A 303 2.43 19.31 11.61
N ALA A 304 2.93 20.35 10.95
CA ALA A 304 2.74 20.59 9.52
C ALA A 304 3.47 19.52 8.71
N HIS A 305 3.03 19.30 7.49
CA HIS A 305 3.84 18.64 6.45
C HIS A 305 5.17 19.40 6.33
N GLY A 306 5.09 20.71 6.06
CA GLY A 306 6.21 21.67 6.10
C GLY A 306 7.55 21.05 5.65
N THR A 307 7.68 20.69 4.36
CA THR A 307 8.83 19.95 3.80
C THR A 307 9.97 20.89 3.42
N SER A 308 9.76 22.21 3.46
CA SER A 308 10.75 23.23 3.03
C SER A 308 10.79 23.36 1.50
N THR A 309 9.67 23.16 0.80
CA THR A 309 9.58 23.48 -0.66
C THR A 309 8.92 24.84 -0.80
N PRO A 310 9.27 25.65 -1.83
CA PRO A 310 8.59 26.93 -2.08
C PRO A 310 7.05 26.83 -2.10
N ALA A 311 6.51 25.93 -2.92
CA ALA A 311 5.06 25.82 -3.19
C ALA A 311 4.34 25.15 -2.00
N GLY A 312 4.93 24.10 -1.42
CA GLY A 312 4.28 23.25 -0.39
C GLY A 312 4.01 24.00 0.90
N ASP A 313 4.98 24.78 1.36
CA ASP A 313 4.93 25.49 2.66
C ASP A 313 3.80 26.53 2.61
N ILE A 314 3.75 27.39 1.59
CA ILE A 314 2.75 28.49 1.47
C ILE A 314 1.35 27.89 1.24
N ALA A 315 1.23 26.80 0.49
CA ALA A 315 -0.05 26.09 0.26
C ALA A 315 -0.60 25.61 1.62
N GLU A 316 0.27 25.12 2.50
CA GLU A 316 -0.15 24.63 3.84
C GLU A 316 -0.59 25.82 4.70
N ILE A 317 0.08 26.98 4.65
CA ILE A 317 -0.36 28.21 5.39
C ILE A 317 -1.79 28.57 4.95
N ALA A 318 -2.03 28.62 3.64
CA ALA A 318 -3.31 28.99 3.03
C ALA A 318 -4.39 28.03 3.56
N ALA A 319 -4.11 26.73 3.56
CA ALA A 319 -5.04 25.67 4.00
C ALA A 319 -5.41 25.90 5.47
N VAL A 320 -4.41 26.12 6.33
CA VAL A 320 -4.64 26.35 7.78
C VAL A 320 -5.48 27.61 7.96
N LYS A 321 -5.17 28.69 7.21
CA LYS A 321 -5.94 29.97 7.29
C LYS A 321 -7.40 29.74 6.88
N SER A 322 -7.63 29.02 5.79
CA SER A 322 -8.98 28.62 5.31
CA SER A 322 -8.98 28.62 5.31
C SER A 322 -9.73 27.82 6.39
N VAL A 323 -9.11 26.79 6.96
CA VAL A 323 -9.80 25.80 7.85
C VAL A 323 -10.07 26.42 9.22
N PHE A 324 -9.19 27.29 9.73
CA PHE A 324 -9.21 27.72 11.14
C PHE A 324 -9.57 29.19 11.29
N GLY A 325 -9.60 29.96 10.20
CA GLY A 325 -9.93 31.40 10.23
C GLY A 325 -9.08 32.13 11.26
N GLU A 326 -9.73 32.90 12.14
CA GLU A 326 -9.08 33.76 13.16
C GLU A 326 -8.27 32.89 14.13
N HIS A 327 -8.74 31.67 14.38
CA HIS A 327 -8.08 30.68 15.29
C HIS A 327 -6.71 30.26 14.74
N ALA A 328 -6.43 30.51 13.45
CA ALA A 328 -5.12 30.16 12.81
C ALA A 328 -3.99 30.94 13.51
N HIS A 329 -4.30 32.10 14.10
CA HIS A 329 -3.35 32.99 14.79
C HIS A 329 -3.23 32.65 16.28
N ALA A 330 -4.10 31.78 16.81
CA ALA A 330 -4.10 31.33 18.22
C ALA A 330 -3.30 30.03 18.36
N LEU A 331 -3.55 29.05 17.50
CA LEU A 331 -2.86 27.74 17.55
C LEU A 331 -1.35 27.95 17.27
N SER A 332 -0.56 26.91 17.52
CA SER A 332 0.88 26.84 17.15
C SER A 332 1.03 25.78 16.07
N MET A 333 1.74 26.11 14.99
CA MET A 333 2.10 25.18 13.89
C MET A 333 3.62 25.15 13.75
N SER A 334 4.20 23.96 13.72
CA SER A 334 5.66 23.77 13.52
C SER A 334 5.92 22.64 12.52
N SER A 335 7.10 22.67 11.93
CA SER A 335 7.65 21.57 11.11
C SER A 335 8.88 20.99 11.79
N THR A 336 8.74 19.77 12.30
CA THR A 336 9.85 18.98 12.88
C THR A 336 10.79 18.54 11.75
N LYS A 337 10.41 18.69 10.48
CA LYS A 337 11.33 18.36 9.36
C LYS A 337 12.46 19.41 9.28
N SER A 338 12.28 20.56 9.92
CA SER A 338 13.35 21.59 10.08
C SER A 338 14.58 20.94 10.72
N MET A 339 14.37 19.92 11.57
CA MET A 339 15.40 19.18 12.33
C MET A 339 15.62 17.78 11.75
N THR A 340 14.55 17.05 11.42
CA THR A 340 14.64 15.62 11.01
C THR A 340 14.89 15.46 9.51
N GLY A 341 14.53 16.46 8.72
CA GLY A 341 14.49 16.26 7.27
C GLY A 341 13.21 15.48 6.97
N HIS A 342 13.07 14.99 5.75
CA HIS A 342 11.81 14.33 5.32
C HIS A 342 12.01 12.81 5.26
N LEU A 343 11.31 12.09 6.13
CA LEU A 343 11.48 10.62 6.23
C LEU A 343 10.57 9.94 5.20
N LEU A 344 9.95 10.71 4.33
CA LEU A 344 9.16 10.20 3.17
C LEU A 344 8.02 9.33 3.70
N GLY A 345 7.96 8.03 3.35
CA GLY A 345 6.91 7.11 3.83
C GLY A 345 6.88 6.97 5.35
N ALA A 346 7.95 7.38 6.05
CA ALA A 346 8.05 7.34 7.53
C ALA A 346 7.67 8.70 8.15
N ALA A 347 7.69 9.79 7.37
CA ALA A 347 7.45 11.17 7.86
C ALA A 347 6.20 11.19 8.74
N GLY A 348 5.09 10.62 8.28
CA GLY A 348 3.79 10.62 8.97
C GLY A 348 3.79 9.86 10.30
N ALA A 349 4.57 8.78 10.40
CA ALA A 349 4.67 7.92 11.60
C ALA A 349 5.47 8.63 12.68
N VAL A 350 6.66 9.17 12.35
CA VAL A 350 7.51 9.88 13.36
C VAL A 350 6.79 11.15 13.83
N GLU A 351 6.08 11.81 12.93
CA GLU A 351 5.36 13.08 13.22
C GLU A 351 4.08 12.78 14.03
N ALA A 352 3.43 11.65 13.82
CA ALA A 352 2.35 11.19 14.72
C ALA A 352 2.91 11.07 16.14
N ILE A 353 4.12 10.49 16.28
CA ILE A 353 4.75 10.29 17.62
C ILE A 353 5.09 11.65 18.24
N PHE A 354 5.64 12.59 17.47
CA PHE A 354 6.00 13.95 17.95
C PHE A 354 4.75 14.71 18.38
N SER A 355 3.62 14.51 17.68
CA SER A 355 2.30 15.12 18.00
C SER A 355 1.80 14.58 19.35
N VAL A 356 1.92 13.26 19.56
CA VAL A 356 1.50 12.57 20.80
C VAL A 356 2.37 13.09 21.95
N LEU A 357 3.66 13.33 21.71
CA LEU A 357 4.59 13.79 22.76
C LEU A 357 4.37 15.27 23.07
N ALA A 358 3.97 16.08 22.07
CA ALA A 358 3.61 17.50 22.26
C ALA A 358 2.46 17.59 23.26
N LEU A 359 1.51 16.65 23.18
CA LEU A 359 0.39 16.51 24.14
C LEU A 359 0.92 16.08 25.51
N ARG A 360 1.67 14.98 25.57
CA ARG A 360 2.22 14.44 26.84
C ARG A 360 2.97 15.54 27.60
N ASP A 361 3.78 16.37 26.91
CA ASP A 361 4.73 17.31 27.58
C ASP A 361 4.22 18.75 27.50
N GLN A 362 3.10 18.98 26.82
CA GLN A 362 2.48 20.33 26.71
C GLN A 362 3.54 21.29 26.18
N VAL A 363 4.14 20.94 25.04
CA VAL A 363 5.18 21.78 24.39
C VAL A 363 5.07 21.64 22.88
N ALA A 364 5.13 22.77 22.16
CA ALA A 364 5.23 22.84 20.69
C ALA A 364 6.70 22.74 20.28
N PRO A 365 7.09 21.68 19.54
CA PRO A 365 8.43 21.59 18.97
C PRO A 365 8.70 22.82 18.10
N PRO A 366 9.97 23.23 17.98
CA PRO A 366 10.32 24.38 17.15
C PRO A 366 10.32 24.10 15.63
N THR A 367 10.15 25.15 14.84
CA THR A 367 10.61 25.22 13.43
C THR A 367 11.98 25.92 13.44
N ILE A 368 13.08 25.16 13.39
CA ILE A 368 14.46 25.75 13.37
C ILE A 368 14.70 26.33 11.98
N ASN A 369 15.69 27.22 11.87
CA ASN A 369 16.18 27.85 10.61
C ASN A 369 15.17 28.86 10.06
N LEU A 370 14.08 29.13 10.78
CA LEU A 370 13.04 30.09 10.34
C LEU A 370 13.54 31.52 10.63
N ASP A 371 14.59 31.94 9.91
CA ASP A 371 15.28 33.24 10.15
C ASP A 371 14.45 34.39 9.55
N ASN A 372 13.80 34.17 8.40
CA ASN A 372 13.05 35.20 7.63
C ASN A 372 11.78 34.60 7.07
N PRO A 373 10.67 34.58 7.84
CA PRO A 373 9.42 33.98 7.37
C PRO A 373 9.00 34.64 6.06
N ASP A 374 8.50 33.86 5.10
CA ASP A 374 8.19 34.35 3.73
C ASP A 374 6.94 35.24 3.80
N GLU A 375 6.61 35.94 2.71
CA GLU A 375 5.31 36.65 2.55
C GLU A 375 4.17 35.69 2.91
N GLY A 376 3.31 36.10 3.84
CA GLY A 376 2.07 35.38 4.22
C GLY A 376 2.29 34.36 5.32
N CYS A 377 3.54 34.16 5.77
CA CYS A 377 3.92 33.11 6.76
C CYS A 377 3.94 33.73 8.17
N ASP A 378 2.84 34.39 8.55
CA ASP A 378 2.75 35.31 9.72
C ASP A 378 1.99 34.64 10.86
N LEU A 379 1.80 33.31 10.82
CA LEU A 379 1.24 32.52 11.94
C LEU A 379 2.30 32.28 13.03
N ASP A 380 1.90 31.74 14.17
CA ASP A 380 2.84 31.27 15.21
C ASP A 380 3.46 29.97 14.69
N LEU A 381 4.64 30.06 14.05
CA LEU A 381 5.32 28.87 13.49
C LEU A 381 6.37 28.31 14.45
N VAL A 382 6.40 28.81 15.69
CA VAL A 382 7.30 28.33 16.78
C VAL A 382 8.75 28.44 16.28
N ALA A 383 9.15 29.61 15.79
CA ALA A 383 10.49 29.82 15.19
C ALA A 383 11.57 29.61 16.26
N HIS A 384 12.60 28.81 15.94
CA HIS A 384 13.92 28.70 16.63
C HIS A 384 13.87 27.78 17.85
N GLU A 385 12.88 27.94 18.75
CA GLU A 385 12.91 27.36 20.11
C GLU A 385 11.56 26.75 20.48
N ALA A 386 11.61 25.62 21.19
CA ALA A 386 10.42 24.90 21.72
C ALA A 386 9.58 25.88 22.55
N LYS A 387 8.26 25.77 22.44
CA LYS A 387 7.33 26.66 23.17
C LYS A 387 6.41 25.79 24.03
N PRO A 388 6.61 25.79 25.37
CA PRO A 388 5.65 25.24 26.31
C PRO A 388 4.33 26.01 26.20
N ARG A 389 3.22 25.28 26.14
CA ARG A 389 1.88 25.86 25.93
C ARG A 389 0.84 24.79 26.22
N LYS A 390 -0.39 25.22 26.45
CA LYS A 390 -1.59 24.35 26.57
C LYS A 390 -1.84 23.67 25.21
N ILE A 391 -1.96 22.34 25.25
CA ILE A 391 -2.27 21.55 24.02
C ILE A 391 -3.22 20.41 24.44
N ASP A 392 -4.48 20.48 24.03
CA ASP A 392 -5.43 19.38 24.35
C ASP A 392 -5.71 18.58 23.08
N VAL A 393 -5.50 19.19 21.91
CA VAL A 393 -5.70 18.53 20.60
C VAL A 393 -4.52 18.92 19.71
N ALA A 394 -3.85 17.91 19.14
CA ALA A 394 -2.76 18.05 18.16
C ALA A 394 -3.19 17.41 16.84
N LEU A 395 -2.82 18.07 15.74
CA LEU A 395 -3.15 17.64 14.36
C LEU A 395 -1.83 17.44 13.62
N SER A 396 -1.71 16.35 12.84
CA SER A 396 -0.53 16.04 12.00
C SER A 396 -0.97 15.87 10.55
N ASN A 397 -0.37 16.62 9.63
CA ASN A 397 -0.63 16.54 8.16
C ASN A 397 0.50 15.80 7.41
N SER A 398 0.13 15.09 6.36
CA SER A 398 1.04 14.56 5.32
C SER A 398 0.38 14.76 3.95
N PHE A 399 1.14 15.24 2.97
CA PHE A 399 0.74 15.43 1.55
C PHE A 399 1.78 14.72 0.70
N GLY A 400 1.32 14.07 -0.37
CA GLY A 400 2.12 13.16 -1.21
C GLY A 400 1.91 13.44 -2.69
N PHE A 401 2.82 12.91 -3.51
CA PHE A 401 2.66 12.78 -4.98
C PHE A 401 1.32 12.11 -5.26
N GLY A 402 0.63 12.59 -6.30
CA GLY A 402 -0.73 12.15 -6.68
C GLY A 402 -1.77 13.04 -6.04
N GLY A 403 -1.33 14.07 -5.32
CA GLY A 403 -2.20 14.94 -4.52
C GLY A 403 -2.89 14.21 -3.39
N THR A 404 -2.27 13.15 -2.86
CA THR A 404 -2.85 12.33 -1.75
C THR A 404 -2.56 13.03 -0.42
N ASN A 405 -3.59 13.22 0.41
CA ASN A 405 -3.57 13.97 1.69
C ASN A 405 -4.03 13.04 2.83
N GLY A 406 -3.42 13.21 4.01
CA GLY A 406 -3.82 12.55 5.26
C GLY A 406 -3.70 13.52 6.41
N THR A 407 -4.65 13.49 7.37
CA THR A 407 -4.60 14.28 8.62
C THR A 407 -4.96 13.35 9.78
N LEU A 408 -4.22 13.44 10.87
CA LEU A 408 -4.46 12.67 12.12
C LEU A 408 -4.74 13.68 13.22
N VAL A 409 -5.79 13.46 14.00
CA VAL A 409 -6.13 14.33 15.16
C VAL A 409 -6.03 13.48 16.43
N PHE A 410 -5.16 13.90 17.34
CA PHE A 410 -4.92 13.26 18.66
C PHE A 410 -5.39 14.24 19.74
N ARG A 411 -5.92 13.73 20.85
CA ARG A 411 -6.26 14.58 22.02
C ARG A 411 -5.74 13.90 23.29
N ARG A 412 -5.46 14.72 24.32
CA ARG A 412 -5.04 14.25 25.66
C ARG A 412 -6.09 13.26 26.16
N PHE A 413 -5.66 12.13 26.72
CA PHE A 413 -6.63 11.12 27.23
C PHE A 413 -6.94 11.42 28.69
N ALA A 414 -8.23 11.72 28.98
CA ALA A 414 -8.81 12.09 30.30
C ALA A 414 -7.91 11.66 31.46
N SER B 3 -23.64 0.03 11.55
CA SER B 3 -24.54 0.83 10.65
C SER B 3 -23.88 0.95 9.27
N ARG B 4 -23.53 -0.20 8.69
CA ARG B 4 -22.74 -0.25 7.44
C ARG B 4 -23.67 -0.43 6.24
N ARG B 5 -23.31 0.22 5.13
CA ARG B 5 -24.09 0.24 3.87
C ARG B 5 -23.65 -0.93 2.99
N ARG B 6 -24.52 -1.37 2.09
CA ARG B 6 -24.20 -2.45 1.12
C ARG B 6 -23.44 -1.86 -0.09
N VAL B 7 -22.63 -2.70 -0.73
CA VAL B 7 -21.68 -2.27 -1.80
C VAL B 7 -21.90 -3.18 -3.00
N VAL B 8 -22.03 -2.57 -4.19
CA VAL B 8 -22.29 -3.32 -5.45
C VAL B 8 -21.23 -2.91 -6.47
N ILE B 9 -21.08 -3.76 -7.49
CA ILE B 9 -20.15 -3.58 -8.64
C ILE B 9 -20.99 -3.04 -9.80
N THR B 10 -20.67 -1.85 -10.29
CA THR B 10 -21.44 -1.16 -11.36
C THR B 10 -20.57 -0.99 -12.61
N GLY B 11 -19.25 -1.25 -12.52
CA GLY B 11 -18.30 -1.13 -13.66
C GLY B 11 -17.08 -2.02 -13.49
N MET B 12 -16.57 -2.60 -14.59
CA MET B 12 -15.33 -3.43 -14.56
C MET B 12 -14.46 -3.12 -15.78
N GLY B 13 -13.14 -3.18 -15.57
CA GLY B 13 -12.15 -2.89 -16.61
C GLY B 13 -10.95 -3.84 -16.48
N MET B 14 -10.30 -4.17 -17.59
CA MET B 14 -9.21 -5.17 -17.51
C MET B 14 -8.22 -5.16 -18.67
N LEU B 15 -6.94 -5.39 -18.37
CA LEU B 15 -5.92 -5.72 -19.38
C LEU B 15 -5.39 -7.06 -18.84
N SER B 16 -5.41 -8.11 -19.65
CA SER B 16 -4.96 -9.45 -19.26
C SER B 16 -4.17 -10.03 -20.42
N PRO B 17 -3.40 -11.10 -20.18
CA PRO B 17 -2.83 -11.90 -21.26
C PRO B 17 -3.86 -12.44 -22.25
N LEU B 18 -5.15 -12.43 -21.91
CA LEU B 18 -6.22 -13.00 -22.76
C LEU B 18 -6.94 -11.92 -23.56
N GLY B 19 -6.72 -10.62 -23.29
CA GLY B 19 -7.44 -9.55 -24.01
C GLY B 19 -7.24 -8.18 -23.39
N LEU B 20 -7.64 -7.16 -24.14
CA LEU B 20 -7.39 -5.73 -23.85
C LEU B 20 -8.63 -5.12 -23.17
N ASP B 21 -9.63 -5.95 -22.84
CA ASP B 21 -10.81 -5.53 -22.04
C ASP B 21 -11.42 -6.73 -21.34
N VAL B 22 -12.53 -6.52 -20.64
CA VAL B 22 -13.23 -7.58 -19.87
C VAL B 22 -13.85 -8.60 -20.83
N PRO B 23 -14.76 -8.20 -21.75
N PRO B 23 -14.76 -8.20 -21.76
CA PRO B 23 -15.46 -9.17 -22.60
CA PRO B 23 -15.44 -9.19 -22.60
C PRO B 23 -14.49 -10.06 -23.40
C PRO B 23 -14.45 -10.08 -23.35
N SER B 24 -13.43 -9.49 -23.97
CA SER B 24 -12.40 -10.24 -24.74
C SER B 24 -11.65 -11.21 -23.80
N SER B 25 -11.29 -10.75 -22.59
CA SER B 25 -10.60 -11.60 -21.58
C SER B 25 -11.52 -12.74 -21.18
N TRP B 26 -12.79 -12.42 -20.87
CA TRP B 26 -13.79 -13.39 -20.40
C TRP B 26 -14.09 -14.44 -21.48
N GLU B 27 -14.13 -14.05 -22.77
CA GLU B 27 -14.27 -15.00 -23.90
C GLU B 27 -13.11 -16.01 -23.82
N GLY B 28 -11.87 -15.52 -23.64
CA GLY B 28 -10.69 -16.38 -23.49
C GLY B 28 -10.88 -17.40 -22.39
N ILE B 29 -11.33 -16.93 -21.22
CA ILE B 29 -11.53 -17.75 -20.00
C ILE B 29 -12.50 -18.89 -20.30
N LEU B 30 -13.69 -18.57 -20.82
CA LEU B 30 -14.75 -19.57 -21.08
C LEU B 30 -14.32 -20.55 -22.18
N ALA B 31 -13.40 -20.15 -23.08
CA ALA B 31 -12.91 -21.01 -24.19
C ALA B 31 -11.75 -21.91 -23.73
N GLY B 32 -11.21 -21.73 -22.53
CA GLY B 32 -10.04 -22.51 -22.06
C GLY B 32 -8.75 -22.10 -22.78
N ARG B 33 -8.66 -20.84 -23.23
CA ARG B 33 -7.49 -20.34 -24.01
C ARG B 33 -6.36 -19.96 -23.04
N SER B 34 -5.10 -20.30 -23.37
CA SER B 34 -3.87 -19.83 -22.67
C SER B 34 -3.43 -18.48 -23.25
N GLY B 35 -3.04 -17.53 -22.39
CA GLY B 35 -2.40 -16.26 -22.77
C GLY B 35 -0.90 -16.30 -22.54
N ILE B 36 -0.35 -17.49 -22.31
CA ILE B 36 1.08 -17.72 -21.94
C ILE B 36 1.86 -18.05 -23.23
N ALA B 37 2.99 -17.37 -23.44
CA ALA B 37 3.80 -17.48 -24.67
C ALA B 37 5.21 -17.02 -24.39
N PRO B 38 6.21 -17.48 -25.17
CA PRO B 38 7.57 -16.95 -25.05
C PRO B 38 7.50 -15.41 -25.01
N ILE B 39 8.23 -14.81 -24.08
CA ILE B 39 8.34 -13.33 -23.96
C ILE B 39 9.20 -12.82 -25.12
N GLU B 40 8.84 -11.68 -25.68
CA GLU B 40 9.43 -11.12 -26.92
C GLU B 40 10.00 -9.71 -26.68
N HIS B 41 9.66 -9.05 -25.57
CA HIS B 41 10.05 -7.63 -25.35
C HIS B 41 11.47 -7.59 -24.76
N MET B 42 12.07 -8.73 -24.42
CA MET B 42 13.46 -8.75 -23.89
C MET B 42 14.11 -10.11 -24.16
N ASP B 43 15.43 -10.12 -24.19
CA ASP B 43 16.25 -11.34 -24.40
C ASP B 43 16.34 -12.12 -23.08
N LEU B 44 15.76 -13.32 -23.02
CA LEU B 44 15.70 -14.12 -21.77
C LEU B 44 16.62 -15.36 -21.89
N SER B 45 17.58 -15.36 -22.81
CA SER B 45 18.45 -16.54 -23.09
CA SER B 45 18.47 -16.53 -23.09
C SER B 45 19.16 -17.03 -21.81
N ALA B 46 19.67 -16.11 -20.98
CA ALA B 46 20.42 -16.41 -19.73
C ALA B 46 19.48 -16.83 -18.56
N TYR B 47 18.15 -16.76 -18.73
CA TYR B 47 17.14 -17.02 -17.66
C TYR B 47 16.61 -18.46 -17.78
N SER B 48 16.24 -19.08 -16.65
CA SER B 48 15.65 -20.45 -16.59
C SER B 48 14.16 -20.46 -16.96
N THR B 49 13.50 -19.26 -17.01
CA THR B 49 12.11 -19.10 -17.51
C THR B 49 12.09 -18.02 -18.59
N ARG B 50 11.53 -18.32 -19.76
CA ARG B 50 11.62 -17.46 -20.98
C ARG B 50 10.23 -17.15 -21.55
N PHE B 51 9.17 -17.49 -20.81
CA PHE B 51 7.75 -17.32 -21.20
C PHE B 51 6.97 -16.73 -20.03
N GLY B 52 5.81 -16.15 -20.35
CA GLY B 52 4.91 -15.53 -19.36
C GLY B 52 3.64 -15.07 -20.02
N GLY B 53 2.79 -14.41 -19.24
CA GLY B 53 1.54 -13.80 -19.69
C GLY B 53 1.75 -12.34 -20.00
N SER B 54 2.01 -12.01 -21.26
CA SER B 54 2.15 -10.61 -21.71
C SER B 54 0.76 -10.12 -22.12
N VAL B 55 0.57 -8.81 -21.98
CA VAL B 55 -0.63 -8.13 -22.53
C VAL B 55 -0.25 -7.90 -23.99
N LYS B 56 -1.03 -8.45 -24.92
CA LYS B 56 -0.70 -8.37 -26.37
C LYS B 56 -1.44 -7.25 -27.10
N GLY B 57 -0.70 -6.36 -27.76
CA GLY B 57 -1.30 -5.34 -28.63
C GLY B 57 -1.79 -4.13 -27.86
N PHE B 58 -1.30 -3.90 -26.63
CA PHE B 58 -1.77 -2.76 -25.82
C PHE B 58 -1.41 -1.47 -26.55
N ASN B 59 -2.42 -0.63 -26.75
CA ASN B 59 -2.25 0.71 -27.34
C ASN B 59 -2.68 1.76 -26.32
N VAL B 60 -1.72 2.33 -25.61
CA VAL B 60 -1.99 3.37 -24.57
C VAL B 60 -2.67 4.59 -25.22
N GLU B 61 -2.50 4.82 -26.52
CA GLU B 61 -3.02 6.02 -27.23
C GLU B 61 -4.53 5.93 -27.39
N GLU B 62 -5.14 4.79 -27.04
CA GLU B 62 -6.60 4.66 -26.83
C GLU B 62 -7.04 5.45 -25.59
N TYR B 63 -6.12 5.88 -24.72
CA TYR B 63 -6.44 6.44 -23.37
C TYR B 63 -5.68 7.75 -23.12
N LEU B 64 -4.39 7.78 -23.43
CA LEU B 64 -3.47 8.90 -23.07
C LEU B 64 -2.71 9.37 -24.30
N SER B 65 -2.26 10.63 -24.29
CA SER B 65 -1.27 11.15 -25.29
C SER B 65 0.06 10.42 -25.11
N ALA B 66 0.76 10.14 -26.20
CA ALA B 66 2.09 9.50 -26.19
C ALA B 66 3.03 10.33 -25.30
N LYS B 67 2.86 11.66 -25.27
CA LYS B 67 3.69 12.60 -24.49
C LYS B 67 3.49 12.30 -23.00
N GLU B 68 2.24 12.11 -22.57
CA GLU B 68 1.93 11.75 -21.17
C GLU B 68 2.49 10.37 -20.83
N ALA B 69 2.20 9.36 -21.66
CA ALA B 69 2.47 7.93 -21.40
C ALA B 69 3.97 7.66 -21.37
N ARG B 70 4.77 8.51 -22.02
CA ARG B 70 6.26 8.35 -22.07
C ARG B 70 6.79 8.37 -20.64
N LYS B 71 6.19 9.18 -19.77
CA LYS B 71 6.59 9.36 -18.35
C LYS B 71 6.23 8.13 -17.51
N LEU B 72 5.16 7.41 -17.85
CA LEU B 72 4.47 6.47 -16.94
C LEU B 72 5.00 5.05 -17.15
N ASP B 73 5.35 4.36 -16.07
CA ASP B 73 5.75 2.94 -16.15
C ASP B 73 4.52 2.19 -16.70
N LEU B 74 4.74 1.08 -17.40
CA LEU B 74 3.63 0.24 -17.91
C LEU B 74 2.63 -0.10 -16.79
N PHE B 75 3.05 -0.32 -15.55
CA PHE B 75 2.06 -0.73 -14.52
C PHE B 75 1.02 0.39 -14.36
N ILE B 76 1.46 1.64 -14.50
CA ILE B 76 0.52 2.81 -14.41
C ILE B 76 -0.32 2.90 -15.68
N GLN B 77 0.29 2.70 -16.84
CA GLN B 77 -0.48 2.67 -18.10
C GLN B 77 -1.58 1.62 -17.98
N TYR B 78 -1.23 0.40 -17.57
CA TYR B 78 -2.17 -0.75 -17.50
C TYR B 78 -3.29 -0.41 -16.48
N GLY B 79 -2.92 0.18 -15.34
CA GLY B 79 -3.84 0.52 -14.25
C GLY B 79 -4.83 1.60 -14.65
N LEU B 80 -4.36 2.63 -15.36
CA LEU B 80 -5.19 3.73 -15.90
C LEU B 80 -6.16 3.18 -16.96
N ALA B 81 -5.68 2.32 -17.87
CA ALA B 81 -6.50 1.68 -18.92
C ALA B 81 -7.67 0.89 -18.30
N ALA B 82 -7.40 -0.01 -17.36
CA ALA B 82 -8.43 -0.79 -16.63
C ALA B 82 -9.39 0.14 -15.87
N SER B 83 -8.84 1.15 -15.20
CA SER B 83 -9.62 2.13 -14.42
C SER B 83 -10.57 2.85 -15.36
N PHE B 84 -10.04 3.42 -16.47
CA PHE B 84 -10.83 4.24 -17.41
C PHE B 84 -11.98 3.38 -17.94
N GLN B 85 -11.67 2.13 -18.32
CA GLN B 85 -12.68 1.15 -18.78
C GLN B 85 -13.80 1.00 -17.74
N ALA B 86 -13.45 0.88 -16.44
CA ALA B 86 -14.40 0.54 -15.35
C ALA B 86 -15.33 1.74 -15.12
N VAL B 87 -14.77 2.94 -15.09
CA VAL B 87 -15.57 4.20 -14.90
C VAL B 87 -16.54 4.35 -16.07
N ARG B 88 -16.04 4.29 -17.32
CA ARG B 88 -16.91 4.29 -18.52
C ARG B 88 -18.03 3.24 -18.36
N ASP B 89 -17.67 2.01 -18.02
CA ASP B 89 -18.62 0.86 -17.92
C ASP B 89 -19.68 1.14 -16.84
N SER B 90 -19.38 1.98 -15.85
CA SER B 90 -20.31 2.28 -14.73
C SER B 90 -21.38 3.28 -15.17
N GLY B 91 -21.08 4.12 -16.16
CA GLY B 91 -21.98 5.20 -16.61
C GLY B 91 -22.02 6.34 -15.61
N LEU B 92 -21.15 6.30 -14.59
CA LEU B 92 -21.10 7.32 -13.51
C LEU B 92 -20.66 8.65 -14.11
N GLU B 93 -21.35 9.73 -13.76
CA GLU B 93 -20.97 11.10 -14.15
C GLU B 93 -20.40 11.76 -12.90
N VAL B 94 -19.16 12.27 -13.02
CA VAL B 94 -18.42 12.94 -11.92
C VAL B 94 -18.77 14.43 -12.02
N THR B 95 -19.23 15.02 -10.92
CA THR B 95 -19.76 16.40 -10.83
C THR B 95 -19.19 17.07 -9.58
N ASP B 96 -19.40 18.37 -9.44
CA ASP B 96 -19.00 19.09 -8.21
C ASP B 96 -19.73 18.47 -7.03
N ALA B 97 -20.92 17.90 -7.25
CA ALA B 97 -21.78 17.41 -6.15
C ALA B 97 -21.31 16.04 -5.63
N ASN B 98 -20.62 15.21 -6.42
CA ASN B 98 -20.23 13.84 -5.98
C ASN B 98 -18.72 13.61 -5.97
N ARG B 99 -17.88 14.57 -6.41
CA ARG B 99 -16.44 14.29 -6.68
C ARG B 99 -15.68 14.02 -5.37
N GLU B 100 -16.08 14.62 -4.24
CA GLU B 100 -15.44 14.38 -2.93
C GLU B 100 -15.83 13.02 -2.37
N ARG B 101 -16.82 12.35 -2.96
CA ARG B 101 -17.41 11.07 -2.51
C ARG B 101 -16.92 9.93 -3.40
N ILE B 102 -16.08 10.23 -4.39
CA ILE B 102 -15.48 9.22 -5.30
C ILE B 102 -13.97 9.20 -5.07
N GLY B 103 -13.48 8.04 -4.65
CA GLY B 103 -12.06 7.83 -4.36
C GLY B 103 -11.50 6.69 -5.16
N VAL B 104 -10.23 6.37 -4.90
CA VAL B 104 -9.44 5.42 -5.74
C VAL B 104 -8.51 4.63 -4.84
N SER B 105 -8.48 3.32 -5.02
CA SER B 105 -7.47 2.46 -4.37
C SER B 105 -7.01 1.41 -5.38
N MET B 106 -6.05 1.78 -6.21
CA MET B 106 -5.38 0.88 -7.18
C MET B 106 -3.96 0.59 -6.68
N GLY B 107 -3.67 -0.69 -6.46
CA GLY B 107 -2.42 -1.16 -5.83
C GLY B 107 -1.57 -1.95 -6.79
N SER B 108 -0.38 -2.34 -6.34
CA SER B 108 0.61 -3.11 -7.10
C SER B 108 1.53 -3.85 -6.10
N GLY B 109 2.07 -5.00 -6.48
CA GLY B 109 3.14 -5.71 -5.73
C GLY B 109 4.40 -4.86 -5.59
N ILE B 110 4.96 -4.39 -6.72
CA ILE B 110 6.24 -3.63 -6.71
C ILE B 110 6.16 -2.37 -7.58
N GLY B 111 5.08 -2.22 -8.35
CA GLY B 111 4.87 -1.00 -9.17
C GLY B 111 5.85 -0.93 -10.31
N GLY B 112 6.61 0.14 -10.41
CA GLY B 112 7.29 0.52 -11.66
C GLY B 112 8.68 -0.12 -11.78
N LEU B 113 8.75 -1.45 -11.78
CA LEU B 113 10.04 -2.17 -11.70
C LEU B 113 10.84 -1.94 -12.98
N THR B 114 10.19 -2.01 -14.15
CA THR B 114 10.82 -1.75 -15.47
C THR B 114 11.48 -0.37 -15.43
N ASN B 115 10.75 0.67 -15.01
CA ASN B 115 11.28 2.04 -14.87
C ASN B 115 12.46 2.06 -13.91
N ILE B 116 12.33 1.39 -12.78
CA ILE B 116 13.41 1.36 -11.75
C ILE B 116 14.66 0.71 -12.36
N GLU B 117 14.50 -0.40 -13.09
CA GLU B 117 15.58 -1.15 -13.77
C GLU B 117 16.26 -0.24 -14.79
N ASN B 118 15.47 0.50 -15.58
CA ASN B 118 15.99 1.39 -16.66
C ASN B 118 16.70 2.59 -16.02
N ASN B 119 16.17 3.17 -14.96
CA ASN B 119 16.84 4.35 -14.34
C ASN B 119 18.10 3.86 -13.64
N CYS B 120 18.11 2.60 -13.17
CA CYS B 120 19.31 1.99 -12.56
C CYS B 120 20.40 1.80 -13.64
N ARG B 121 20.03 1.32 -14.83
CA ARG B 121 21.00 1.18 -15.95
C ARG B 121 21.61 2.55 -16.22
N SER B 122 20.79 3.59 -16.42
CA SER B 122 21.27 4.98 -16.68
C SER B 122 22.26 5.42 -15.60
N LEU B 123 21.91 5.22 -14.32
CA LEU B 123 22.72 5.68 -13.17
C LEU B 123 24.08 4.97 -13.19
N PHE B 124 24.10 3.64 -13.38
CA PHE B 124 25.34 2.83 -13.28
C PHE B 124 26.22 3.05 -14.51
N GLU B 125 25.62 3.04 -15.70
CA GLU B 125 26.36 3.13 -16.99
C GLU B 125 26.76 4.59 -17.25
N GLN B 126 25.94 5.59 -16.89
CA GLN B 126 26.13 7.01 -17.35
C GLN B 126 26.21 7.98 -16.16
N GLY B 127 25.52 7.70 -15.02
CA GLY B 127 25.53 8.56 -13.83
C GLY B 127 24.19 9.25 -13.58
N PRO B 128 24.05 9.95 -12.44
CA PRO B 128 22.74 10.42 -11.95
C PRO B 128 22.10 11.58 -12.72
N ARG B 129 22.88 12.27 -13.54
CA ARG B 129 22.38 13.38 -14.40
C ARG B 129 21.56 12.77 -15.54
N ARG B 130 21.61 11.44 -15.75
CA ARG B 130 20.77 10.73 -16.76
C ARG B 130 19.51 10.06 -16.15
N ILE B 131 19.24 10.22 -14.85
CA ILE B 131 17.95 9.73 -14.25
C ILE B 131 16.84 10.70 -14.68
N SER B 132 15.68 10.18 -15.10
CA SER B 132 14.54 10.97 -15.60
C SER B 132 13.97 11.83 -14.48
N PRO B 133 13.69 13.13 -14.69
CA PRO B 133 12.91 13.92 -13.73
C PRO B 133 11.56 13.28 -13.36
N PHE B 134 11.03 12.40 -14.23
CA PHE B 134 9.71 11.74 -14.06
C PHE B 134 9.84 10.36 -13.40
N PHE B 135 11.06 9.95 -13.01
CA PHE B 135 11.32 8.60 -12.44
C PHE B 135 10.40 8.30 -11.25
N VAL B 136 10.38 9.16 -10.24
CA VAL B 136 9.60 8.93 -8.99
C VAL B 136 8.11 9.02 -9.30
N PRO B 137 7.55 10.16 -9.78
CA PRO B 137 6.10 10.24 -10.02
C PRO B 137 5.66 9.23 -11.10
N GLY B 138 6.59 8.70 -11.89
CA GLY B 138 6.30 7.75 -12.96
C GLY B 138 6.43 6.31 -12.54
N SER B 139 6.88 6.02 -11.32
CA SER B 139 7.28 4.63 -10.93
C SER B 139 6.66 4.17 -9.62
N ILE B 140 6.33 5.04 -8.67
CA ILE B 140 5.85 4.62 -7.33
C ILE B 140 4.37 4.20 -7.41
N ILE B 141 3.99 3.27 -6.54
CA ILE B 141 2.78 2.40 -6.65
C ILE B 141 1.50 3.24 -6.57
N ASN B 142 1.48 4.31 -5.78
CA ASN B 142 0.25 5.10 -5.52
C ASN B 142 -0.14 5.97 -6.72
N MET B 143 0.60 5.94 -7.85
CA MET B 143 0.40 6.95 -8.94
C MET B 143 -0.67 6.48 -9.93
N VAL B 144 -1.12 5.23 -9.90
CA VAL B 144 -2.39 4.83 -10.60
C VAL B 144 -3.54 5.61 -9.95
N SER B 145 -3.72 5.46 -8.63
CA SER B 145 -4.69 6.24 -7.82
C SER B 145 -4.50 7.74 -8.06
N GLY B 146 -3.25 8.21 -8.03
CA GLY B 146 -2.89 9.62 -8.22
C GLY B 146 -3.34 10.14 -9.59
N PHE B 147 -2.87 9.53 -10.67
CA PHE B 147 -3.12 9.99 -12.06
C PHE B 147 -4.60 9.79 -12.39
N LEU B 148 -5.24 8.74 -11.90
CA LEU B 148 -6.69 8.53 -12.17
C LEU B 148 -7.48 9.68 -11.53
N SER B 149 -7.14 10.07 -10.29
CA SER B 149 -7.82 11.18 -9.58
C SER B 149 -7.61 12.50 -10.35
N ILE B 150 -6.40 12.74 -10.86
CA ILE B 150 -6.09 13.97 -11.63
C ILE B 150 -6.90 13.98 -12.95
N HIS B 151 -6.92 12.88 -13.69
CA HIS B 151 -7.61 12.79 -15.00
C HIS B 151 -9.12 13.00 -14.82
N LEU B 152 -9.72 12.37 -13.80
CA LEU B 152 -11.21 12.32 -13.67
C LEU B 152 -11.73 13.34 -12.65
N GLY B 153 -10.85 14.07 -11.94
CA GLY B 153 -11.24 15.00 -10.88
C GLY B 153 -11.84 14.31 -9.66
N LEU B 154 -11.30 13.14 -9.26
CA LEU B 154 -11.78 12.34 -8.09
C LEU B 154 -11.13 12.87 -6.80
N GLN B 155 -11.92 13.27 -5.83
CA GLN B 155 -11.40 13.97 -4.62
C GLN B 155 -11.67 13.12 -3.37
N GLY B 156 -12.26 11.93 -3.52
CA GLY B 156 -12.49 11.02 -2.39
C GLY B 156 -11.19 10.44 -1.85
N PRO B 157 -11.27 9.48 -0.91
CA PRO B 157 -10.08 8.81 -0.40
C PRO B 157 -9.17 8.37 -1.55
N ASN B 158 -7.87 8.68 -1.43
CA ASN B 158 -6.87 8.40 -2.48
C ASN B 158 -5.69 7.63 -1.88
N TYR B 159 -5.54 6.34 -2.21
CA TYR B 159 -4.49 5.50 -1.60
C TYR B 159 -4.19 4.26 -2.47
N ALA B 160 -3.18 3.51 -2.05
CA ALA B 160 -2.76 2.26 -2.71
C ALA B 160 -2.27 1.28 -1.64
N LEU B 161 -2.66 0.02 -1.78
CA LEU B 161 -2.15 -1.10 -0.97
C LEU B 161 -0.95 -1.70 -1.71
N THR B 162 -0.08 -2.36 -0.99
CA THR B 162 0.94 -3.25 -1.59
C THR B 162 1.07 -4.44 -0.66
N THR B 163 0.34 -5.51 -0.96
CA THR B 163 0.28 -6.74 -0.13
C THR B 163 0.63 -7.95 -1.00
N ALA B 164 1.70 -7.81 -1.79
CA ALA B 164 2.25 -8.88 -2.64
C ALA B 164 1.12 -9.42 -3.53
N CYS B 165 0.92 -10.74 -3.59
CA CYS B 165 -0.08 -11.34 -4.51
C CYS B 165 -1.50 -11.17 -3.97
N THR B 166 -1.65 -10.50 -2.84
CA THR B 166 -2.96 -10.27 -2.18
C THR B 166 -3.45 -8.86 -2.48
N THR B 167 -2.61 -8.03 -3.10
CA THR B 167 -2.84 -6.57 -3.33
C THR B 167 -4.22 -6.31 -3.94
N GLY B 168 -4.60 -7.05 -4.99
CA GLY B 168 -5.84 -6.82 -5.75
C GLY B 168 -7.07 -7.05 -4.87
N THR B 169 -7.07 -8.17 -4.15
CA THR B 169 -8.14 -8.62 -3.23
C THR B 169 -8.31 -7.59 -2.10
N HIS B 170 -7.22 -7.23 -1.42
CA HIS B 170 -7.24 -6.25 -0.31
C HIS B 170 -7.71 -4.89 -0.82
N SER B 171 -7.24 -4.46 -1.99
CA SER B 171 -7.57 -3.13 -2.53
C SER B 171 -9.08 -3.04 -2.70
N ILE B 172 -9.68 -4.08 -3.27
CA ILE B 172 -11.16 -4.18 -3.46
C ILE B 172 -11.87 -4.23 -2.11
N GLY B 173 -11.44 -5.12 -1.19
CA GLY B 173 -12.06 -5.30 0.14
C GLY B 173 -12.07 -4.01 0.93
N MET B 174 -10.94 -3.30 1.03
CA MET B 174 -10.81 -2.09 1.89
C MET B 174 -11.52 -0.88 1.27
N ALA B 175 -11.58 -0.78 -0.05
CA ALA B 175 -12.38 0.24 -0.77
C ALA B 175 -13.88 0.01 -0.45
N ALA B 176 -14.34 -1.24 -0.44
CA ALA B 176 -15.71 -1.65 -0.04
C ALA B 176 -15.99 -1.18 1.39
N ARG B 177 -15.04 -1.40 2.30
CA ARG B 177 -15.11 -0.92 3.70
C ARG B 177 -15.25 0.61 3.72
N ASN B 178 -14.47 1.34 2.91
CA ASN B 178 -14.57 2.82 2.80
C ASN B 178 -16.05 3.22 2.57
N ILE B 179 -16.71 2.52 1.66
CA ILE B 179 -18.08 2.87 1.21
C ILE B 179 -19.05 2.39 2.30
N ALA B 180 -18.89 1.15 2.77
CA ALA B 180 -19.77 0.52 3.78
C ALA B 180 -19.89 1.45 5.00
N TYR B 181 -18.80 2.12 5.39
CA TYR B 181 -18.69 2.90 6.65
C TYR B 181 -18.80 4.41 6.34
N GLY B 182 -19.13 4.77 5.11
CA GLY B 182 -19.58 6.14 4.79
C GLY B 182 -18.44 7.08 4.45
N GLU B 183 -17.20 6.59 4.27
CA GLU B 183 -16.05 7.45 3.88
C GLU B 183 -16.15 7.87 2.40
N ALA B 184 -16.89 7.13 1.58
CA ALA B 184 -17.07 7.42 0.14
C ALA B 184 -18.35 6.73 -0.32
N ASP B 185 -18.89 7.14 -1.47
CA ASP B 185 -20.08 6.50 -2.06
C ASP B 185 -19.62 5.60 -3.22
N VAL B 186 -18.47 5.89 -3.80
CA VAL B 186 -17.92 5.19 -5.01
C VAL B 186 -16.41 5.05 -4.80
N MET B 187 -15.87 3.89 -5.17
CA MET B 187 -14.41 3.69 -5.19
C MET B 187 -14.06 2.95 -6.49
N VAL B 188 -13.02 3.41 -7.18
CA VAL B 188 -12.32 2.62 -8.23
C VAL B 188 -11.22 1.83 -7.52
N ALA B 189 -11.26 0.51 -7.55
CA ALA B 189 -10.31 -0.32 -6.80
C ALA B 189 -9.87 -1.50 -7.64
N GLY B 190 -8.61 -1.91 -7.45
CA GLY B 190 -8.04 -3.14 -8.02
C GLY B 190 -6.54 -3.07 -7.96
N GLY B 191 -5.90 -3.60 -9.00
CA GLY B 191 -4.44 -3.77 -9.04
C GLY B 191 -3.90 -3.77 -10.45
N SER B 192 -2.66 -3.32 -10.62
CA SER B 192 -1.89 -3.48 -11.88
C SER B 192 -0.47 -3.97 -11.55
N GLU B 193 0.04 -4.84 -12.41
CA GLU B 193 1.44 -5.34 -12.31
C GLU B 193 2.04 -5.48 -13.69
N MET B 194 3.27 -5.01 -13.80
CA MET B 194 4.19 -5.28 -14.93
CA MET B 194 4.19 -5.27 -14.93
C MET B 194 5.57 -5.56 -14.32
N ALA B 195 5.82 -6.83 -14.00
CA ALA B 195 7.04 -7.32 -13.34
C ALA B 195 7.86 -8.16 -14.34
N ALA B 196 7.45 -8.17 -15.63
CA ALA B 196 8.17 -8.83 -16.73
C ALA B 196 9.38 -7.98 -17.15
N CYS B 197 10.35 -7.81 -16.25
CA CYS B 197 11.72 -7.33 -16.56
C CYS B 197 12.77 -8.28 -15.95
N GLY B 198 14.05 -7.94 -16.07
CA GLY B 198 15.16 -8.80 -15.60
C GLY B 198 15.03 -9.09 -14.12
N LEU B 199 14.79 -8.05 -13.33
CA LEU B 199 14.64 -8.11 -11.85
C LEU B 199 13.47 -9.02 -11.46
N GLY B 200 12.35 -8.95 -12.17
CA GLY B 200 11.14 -9.72 -11.84
C GLY B 200 11.33 -11.17 -12.22
N LEU B 201 11.64 -11.44 -13.49
CA LEU B 201 11.82 -12.83 -13.96
C LEU B 201 13.08 -13.43 -13.33
N GLY B 202 14.13 -12.61 -13.12
CA GLY B 202 15.38 -13.06 -12.47
C GLY B 202 15.19 -13.29 -10.99
N GLY B 203 14.53 -12.34 -10.31
CA GLY B 203 14.19 -12.39 -8.88
C GLY B 203 13.39 -13.62 -8.53
N PHE B 204 12.27 -13.87 -9.21
CA PHE B 204 11.44 -15.07 -8.93
C PHE B 204 12.21 -16.32 -9.35
N GLY B 205 12.98 -16.21 -10.44
CA GLY B 205 13.88 -17.28 -10.92
C GLY B 205 14.86 -17.69 -9.83
N ALA B 206 15.55 -16.71 -9.21
CA ALA B 206 16.57 -16.92 -8.15
C ALA B 206 15.95 -17.63 -6.94
N ALA B 207 14.66 -17.37 -6.67
CA ALA B 207 13.90 -18.00 -5.58
C ALA B 207 13.29 -19.33 -6.06
N ARG B 208 13.50 -19.70 -7.33
CA ARG B 208 13.00 -20.99 -7.89
C ARG B 208 11.47 -21.07 -7.80
N ALA B 209 10.77 -19.93 -7.85
CA ALA B 209 9.30 -19.89 -7.68
C ALA B 209 8.59 -20.16 -9.01
N LEU B 210 9.29 -20.02 -10.15
CA LEU B 210 8.67 -19.99 -11.50
C LEU B 210 8.74 -21.37 -12.16
N SER B 211 7.67 -21.77 -12.86
CA SER B 211 7.70 -22.87 -13.84
C SER B 211 8.83 -22.62 -14.85
N THR B 212 9.60 -23.68 -15.13
CA THR B 212 10.68 -23.65 -16.16
C THR B 212 10.28 -24.55 -17.34
N ARG B 213 9.00 -24.79 -17.59
CA ARG B 213 8.53 -25.63 -18.75
C ARG B 213 8.59 -24.84 -20.06
N ASN B 214 9.77 -24.32 -20.43
CA ASN B 214 10.02 -23.45 -21.61
C ASN B 214 9.61 -24.14 -22.92
N ASP B 215 9.55 -25.46 -22.95
CA ASP B 215 9.21 -26.25 -24.17
C ASP B 215 7.70 -26.23 -24.41
N GLU B 216 6.86 -26.05 -23.38
CA GLU B 216 5.39 -26.01 -23.57
C GLU B 216 4.82 -24.89 -22.66
N PRO B 217 5.02 -23.60 -23.02
CA PRO B 217 4.61 -22.50 -22.15
C PRO B 217 3.10 -22.51 -21.84
N THR B 218 2.25 -22.94 -22.78
CA THR B 218 0.77 -22.95 -22.55
C THR B 218 0.40 -24.05 -21.55
N ARG B 219 1.29 -25.04 -21.34
CA ARG B 219 1.04 -26.21 -20.45
C ARG B 219 1.73 -26.02 -19.09
N ALA B 220 2.47 -24.92 -18.88
CA ALA B 220 3.28 -24.64 -17.67
C ALA B 220 2.39 -24.42 -16.45
N SER B 221 1.38 -23.53 -16.53
CA SER B 221 0.42 -23.25 -15.44
C SER B 221 -0.59 -24.41 -15.36
N ARG B 222 -0.47 -25.29 -14.36
CA ARG B 222 -1.30 -26.52 -14.25
C ARG B 222 -1.69 -26.73 -12.80
N PRO B 223 -2.52 -25.84 -12.19
CA PRO B 223 -2.90 -25.94 -10.78
C PRO B 223 -3.45 -27.32 -10.40
N TRP B 224 -2.97 -27.87 -9.28
CA TRP B 224 -3.42 -29.16 -8.68
C TRP B 224 -3.02 -30.37 -9.53
N ASP B 225 -2.28 -30.17 -10.62
CA ASP B 225 -1.76 -31.28 -11.46
C ASP B 225 -0.43 -31.76 -10.85
N ARG B 226 -0.16 -33.07 -10.91
CA ARG B 226 0.99 -33.66 -10.20
C ARG B 226 2.33 -33.15 -10.79
N ASP B 227 2.35 -32.65 -12.03
CA ASP B 227 3.60 -32.26 -12.73
C ASP B 227 3.81 -30.74 -12.65
N ARG B 228 3.06 -30.03 -11.80
CA ARG B 228 3.20 -28.55 -11.62
C ARG B 228 4.59 -28.22 -11.07
N ASP B 229 5.19 -27.09 -11.47
CA ASP B 229 6.60 -26.78 -11.10
C ASP B 229 6.78 -25.28 -10.83
N GLY B 230 5.75 -24.62 -10.31
CA GLY B 230 5.77 -23.20 -9.96
C GLY B 230 4.88 -22.36 -10.87
N PHE B 231 4.74 -21.09 -10.54
CA PHE B 231 3.74 -20.20 -11.18
C PHE B 231 4.33 -19.61 -12.45
N VAL B 232 3.47 -18.99 -13.23
CA VAL B 232 3.81 -18.33 -14.51
C VAL B 232 3.62 -16.83 -14.29
N LEU B 233 4.67 -16.03 -14.51
CA LEU B 233 4.65 -14.56 -14.30
C LEU B 233 3.80 -13.95 -15.42
N SER B 234 2.82 -13.14 -15.05
CA SER B 234 1.92 -12.54 -16.05
C SER B 234 1.67 -11.06 -15.73
N ASP B 235 1.26 -10.29 -16.74
CA ASP B 235 1.12 -8.82 -16.57
C ASP B 235 -0.34 -8.40 -16.78
N GLY B 236 -0.70 -7.24 -16.24
CA GLY B 236 -2.07 -6.75 -16.45
C GLY B 236 -2.62 -5.85 -15.35
N SER B 237 -3.94 -5.66 -15.37
CA SER B 237 -4.68 -4.77 -14.44
C SER B 237 -6.15 -5.18 -14.45
N GLY B 238 -6.75 -5.10 -13.27
CA GLY B 238 -8.20 -5.22 -13.03
C GLY B 238 -8.63 -4.03 -12.21
N ALA B 239 -9.77 -3.44 -12.55
CA ALA B 239 -10.38 -2.31 -11.83
C ALA B 239 -11.91 -2.49 -11.81
N LEU B 240 -12.48 -2.32 -10.64
CA LEU B 240 -13.95 -2.37 -10.44
CA LEU B 240 -13.95 -2.38 -10.39
C LEU B 240 -14.39 -0.99 -9.92
N VAL B 241 -15.56 -0.55 -10.37
CA VAL B 241 -16.26 0.59 -9.72
C VAL B 241 -17.14 -0.04 -8.63
N LEU B 242 -16.80 0.24 -7.38
CA LEU B 242 -17.62 -0.14 -6.21
CA LEU B 242 -17.62 -0.15 -6.20
C LEU B 242 -18.50 1.06 -5.85
N GLU B 243 -19.75 0.77 -5.47
CA GLU B 243 -20.77 1.82 -5.29
C GLU B 243 -21.73 1.41 -4.18
N GLU B 244 -22.06 2.34 -3.30
CA GLU B 244 -23.10 2.14 -2.27
C GLU B 244 -24.41 1.77 -2.98
N LEU B 245 -25.16 0.82 -2.45
CA LEU B 245 -26.36 0.25 -3.12
C LEU B 245 -27.36 1.35 -3.46
N GLU B 246 -27.71 2.24 -2.53
CA GLU B 246 -28.78 3.27 -2.77
C GLU B 246 -28.27 4.29 -3.81
N HIS B 247 -26.99 4.67 -3.76
CA HIS B 247 -26.39 5.59 -4.75
C HIS B 247 -26.55 4.99 -6.15
N ALA B 248 -26.35 3.66 -6.26
CA ALA B 248 -26.47 2.89 -7.52
C ALA B 248 -27.93 2.84 -7.99
N ARG B 249 -28.84 2.39 -7.12
CA ARG B 249 -30.30 2.31 -7.38
C ARG B 249 -30.81 3.70 -7.78
N ALA B 250 -30.39 4.75 -7.08
CA ALA B 250 -30.88 6.14 -7.28
C ALA B 250 -30.56 6.61 -8.70
N ARG B 251 -29.41 6.25 -9.26
CA ARG B 251 -29.01 6.77 -10.59
C ARG B 251 -29.38 5.75 -11.67
N GLY B 252 -30.02 4.64 -11.34
CA GLY B 252 -30.42 3.61 -12.33
C GLY B 252 -29.22 2.84 -12.88
N ALA B 253 -28.19 2.61 -12.07
CA ALA B 253 -26.94 1.92 -12.47
C ALA B 253 -27.25 0.47 -12.81
N ARG B 254 -26.60 -0.09 -13.84
CA ARG B 254 -26.57 -1.56 -14.06
CA ARG B 254 -26.58 -1.56 -14.05
C ARG B 254 -25.68 -2.16 -12.96
N ILE B 255 -26.23 -3.08 -12.17
CA ILE B 255 -25.51 -3.71 -11.01
C ILE B 255 -25.07 -5.11 -11.43
N TYR B 256 -23.77 -5.38 -11.45
CA TYR B 256 -23.24 -6.72 -11.79
C TYR B 256 -23.48 -7.71 -10.65
N ALA B 257 -23.25 -7.28 -9.40
CA ALA B 257 -23.16 -8.19 -8.26
C ALA B 257 -23.04 -7.38 -6.99
N GLU B 258 -23.29 -8.04 -5.86
CA GLU B 258 -23.05 -7.44 -4.53
C GLU B 258 -21.77 -8.01 -3.94
N LEU B 259 -20.94 -7.12 -3.40
CA LEU B 259 -19.77 -7.47 -2.57
CA LEU B 259 -19.77 -7.47 -2.57
C LEU B 259 -20.26 -7.57 -1.11
N VAL B 260 -20.36 -8.80 -0.61
CA VAL B 260 -21.04 -9.09 0.70
C VAL B 260 -20.00 -9.37 1.79
N GLY B 261 -18.88 -10.01 1.45
CA GLY B 261 -17.88 -10.48 2.41
C GLY B 261 -16.48 -10.08 1.99
N PHE B 262 -15.71 -9.58 2.96
CA PHE B 262 -14.25 -9.39 2.85
C PHE B 262 -13.60 -9.94 4.12
N GLY B 263 -12.59 -10.79 3.91
CA GLY B 263 -11.73 -11.38 4.96
C GLY B 263 -10.28 -11.01 4.71
N MET B 264 -9.57 -10.72 5.80
CA MET B 264 -8.10 -10.58 5.77
C MET B 264 -7.62 -11.40 6.95
N SER B 265 -6.36 -11.77 6.98
CA SER B 265 -5.79 -12.61 8.06
C SER B 265 -4.29 -12.75 7.82
N GLY B 266 -3.55 -13.08 8.86
CA GLY B 266 -2.12 -13.36 8.68
C GLY B 266 -1.84 -14.79 9.05
N ASP B 267 -1.07 -15.50 8.24
CA ASP B 267 -0.59 -16.87 8.58
C ASP B 267 0.30 -16.78 9.82
N ALA B 268 1.18 -15.78 9.83
CA ALA B 268 2.28 -15.60 10.81
C ALA B 268 3.04 -16.93 10.89
N PHE B 269 3.29 -17.57 9.75
CA PHE B 269 3.94 -18.89 9.62
C PHE B 269 5.33 -18.75 8.97
N HIS B 270 5.40 -18.17 7.76
CA HIS B 270 6.65 -18.11 6.96
C HIS B 270 6.60 -16.97 5.93
N MET B 271 7.77 -16.43 5.57
CA MET B 271 7.91 -15.28 4.64
C MET B 271 7.40 -15.65 3.23
N THR B 272 7.52 -16.90 2.79
CA THR B 272 7.16 -17.30 1.40
C THR B 272 6.34 -18.60 1.30
N ALA B 273 6.44 -19.53 2.24
CA ALA B 273 5.73 -20.84 2.18
C ALA B 273 4.44 -20.74 3.00
N PRO B 274 3.33 -21.34 2.53
CA PRO B 274 2.07 -21.37 3.28
C PRO B 274 2.05 -22.54 4.25
N PRO B 275 1.27 -22.51 5.35
CA PRO B 275 1.14 -23.69 6.21
C PRO B 275 0.48 -24.82 5.40
N GLU B 276 0.94 -26.05 5.58
CA GLU B 276 0.54 -27.25 4.78
C GLU B 276 -0.99 -27.46 4.83
N ASP B 277 -1.60 -27.17 5.97
CA ASP B 277 -3.05 -27.38 6.28
C ASP B 277 -3.87 -26.12 5.91
N GLY B 278 -3.20 -25.06 5.43
CA GLY B 278 -3.87 -23.84 4.92
C GLY B 278 -4.68 -23.16 6.00
N ALA B 279 -4.18 -23.16 7.24
CA ALA B 279 -4.91 -22.69 8.44
C ALA B 279 -5.22 -21.20 8.30
N GLY B 280 -4.32 -20.41 7.72
CA GLY B 280 -4.49 -18.95 7.55
C GLY B 280 -5.56 -18.63 6.51
N ALA B 281 -5.51 -19.34 5.39
CA ALA B 281 -6.53 -19.28 4.32
C ALA B 281 -7.90 -19.65 4.89
N ALA B 282 -7.94 -20.71 5.71
CA ALA B 282 -9.19 -21.24 6.34
C ALA B 282 -9.78 -20.16 7.25
N ARG B 283 -8.97 -19.55 8.11
CA ARG B 283 -9.36 -18.41 8.97
C ARG B 283 -9.90 -17.26 8.11
N CYS B 284 -9.18 -16.93 7.05
CA CYS B 284 -9.52 -15.80 6.16
C CYS B 284 -10.89 -16.07 5.53
N MET B 285 -11.08 -17.24 4.92
CA MET B 285 -12.37 -17.58 4.29
C MET B 285 -13.49 -17.51 5.34
N LYS B 286 -13.27 -18.01 6.55
CA LYS B 286 -14.30 -18.00 7.62
C LYS B 286 -14.59 -16.55 8.05
N ASN B 287 -13.58 -15.67 8.10
CA ASN B 287 -13.81 -14.25 8.43
C ASN B 287 -14.75 -13.63 7.39
N ALA B 288 -14.51 -13.91 6.10
CA ALA B 288 -15.26 -13.36 4.95
C ALA B 288 -16.72 -13.86 5.00
N LEU B 289 -16.92 -15.16 5.21
CA LEU B 289 -18.28 -15.77 5.31
C LEU B 289 -19.04 -15.18 6.50
N ARG B 290 -18.39 -15.04 7.64
CA ARG B 290 -19.01 -14.42 8.83
C ARG B 290 -19.33 -12.96 8.51
N ASP B 291 -18.39 -12.24 7.88
CA ASP B 291 -18.59 -10.84 7.40
C ASP B 291 -19.86 -10.76 6.54
N ALA B 292 -20.11 -11.78 5.72
CA ALA B 292 -21.20 -11.85 4.72
C ALA B 292 -22.50 -12.35 5.37
N GLY B 293 -22.43 -12.91 6.59
CA GLY B 293 -23.58 -13.54 7.27
C GLY B 293 -24.04 -14.76 6.52
N LEU B 294 -23.13 -15.57 6.00
CA LEU B 294 -23.45 -16.74 5.14
C LEU B 294 -23.04 -18.05 5.82
N ASP B 295 -23.87 -19.09 5.62
CA ASP B 295 -23.53 -20.51 5.84
C ASP B 295 -22.50 -20.92 4.79
N PRO B 296 -21.47 -21.72 5.12
CA PRO B 296 -20.52 -22.21 4.12
C PRO B 296 -21.20 -22.92 2.93
N ARG B 297 -22.38 -23.49 3.14
CA ARG B 297 -23.08 -24.30 2.09
C ARG B 297 -23.67 -23.39 1.01
N GLN B 298 -23.68 -22.07 1.23
CA GLN B 298 -24.20 -21.06 0.27
C GLN B 298 -23.15 -20.75 -0.80
N VAL B 299 -21.88 -21.12 -0.59
CA VAL B 299 -20.81 -20.89 -1.60
C VAL B 299 -20.91 -21.97 -2.68
N ASP B 300 -21.00 -21.55 -3.95
CA ASP B 300 -21.17 -22.45 -5.12
C ASP B 300 -19.90 -22.47 -5.97
N TYR B 301 -19.18 -21.35 -6.01
CA TYR B 301 -17.98 -21.20 -6.86
C TYR B 301 -16.86 -20.52 -6.06
N ILE B 302 -15.68 -21.13 -6.06
CA ILE B 302 -14.43 -20.54 -5.53
C ILE B 302 -13.48 -20.34 -6.70
N ASN B 303 -13.05 -19.10 -6.91
CA ASN B 303 -11.89 -18.73 -7.75
C ASN B 303 -10.66 -18.81 -6.85
N ALA B 304 -9.92 -19.91 -6.96
CA ALA B 304 -8.77 -20.22 -6.07
C ALA B 304 -7.61 -19.26 -6.37
N HIS B 305 -6.75 -19.06 -5.40
CA HIS B 305 -5.40 -18.50 -5.63
C HIS B 305 -4.72 -19.40 -6.67
N GLY B 306 -4.62 -20.70 -6.39
CA GLY B 306 -4.20 -21.76 -7.34
C GLY B 306 -3.13 -21.30 -8.31
N THR B 307 -1.92 -21.05 -7.80
CA THR B 307 -0.80 -20.43 -8.56
C THR B 307 0.02 -21.48 -9.33
N SER B 308 -0.24 -22.77 -9.11
CA SER B 308 0.50 -23.92 -9.72
C SER B 308 1.85 -24.13 -9.02
N THR B 309 1.94 -23.90 -7.70
CA THR B 309 3.12 -24.28 -6.89
C THR B 309 2.78 -25.60 -6.18
N PRO B 310 3.77 -26.49 -5.95
CA PRO B 310 3.53 -27.71 -5.17
C PRO B 310 2.83 -27.50 -3.82
N ALA B 311 3.35 -26.60 -2.99
CA ALA B 311 2.88 -26.39 -1.59
C ALA B 311 1.56 -25.59 -1.59
N GLY B 312 1.44 -24.55 -2.43
CA GLY B 312 0.33 -23.58 -2.39
C GLY B 312 -1.00 -24.19 -2.78
N ASP B 313 -0.99 -25.03 -3.82
CA ASP B 313 -2.22 -25.64 -4.39
C ASP B 313 -2.83 -26.57 -3.33
N ILE B 314 -2.05 -27.49 -2.75
CA ILE B 314 -2.56 -28.50 -1.78
C ILE B 314 -2.97 -27.81 -0.49
N ALA B 315 -2.26 -26.74 -0.06
CA ALA B 315 -2.64 -25.93 1.11
C ALA B 315 -4.05 -25.37 0.92
N GLU B 316 -4.37 -24.93 -0.30
CA GLU B 316 -5.68 -24.34 -0.63
C GLU B 316 -6.76 -25.43 -0.60
N ILE B 317 -6.48 -26.64 -1.09
CA ILE B 317 -7.45 -27.79 -1.02
C ILE B 317 -7.78 -28.05 0.44
N ALA B 318 -6.77 -28.14 1.29
CA ALA B 318 -6.89 -28.44 2.74
C ALA B 318 -7.78 -27.37 3.37
N ALA B 319 -7.53 -26.10 3.06
CA ALA B 319 -8.27 -24.94 3.62
C ALA B 319 -9.74 -25.06 3.24
N VAL B 320 -10.03 -25.33 1.98
CA VAL B 320 -11.42 -25.45 1.48
C VAL B 320 -12.07 -26.65 2.19
N LYS B 321 -11.37 -27.77 2.31
CA LYS B 321 -11.91 -28.98 3.01
C LYS B 321 -12.24 -28.67 4.48
N SER B 322 -11.34 -27.98 5.18
CA SER B 322 -11.54 -27.50 6.58
CA SER B 322 -11.54 -27.50 6.58
C SER B 322 -12.78 -26.61 6.67
N VAL B 323 -12.90 -25.60 5.79
CA VAL B 323 -13.95 -24.55 5.90
C VAL B 323 -15.31 -25.08 5.48
N PHE B 324 -15.38 -25.99 4.50
CA PHE B 324 -16.65 -26.36 3.83
C PHE B 324 -17.09 -27.79 4.15
N GLY B 325 -16.21 -28.61 4.74
CA GLY B 325 -16.49 -30.03 5.03
C GLY B 325 -17.06 -30.74 3.81
N GLU B 326 -18.19 -31.43 3.95
CA GLU B 326 -18.82 -32.26 2.88
C GLU B 326 -19.24 -31.36 1.71
N HIS B 327 -19.58 -30.10 1.96
CA HIS B 327 -19.97 -29.11 0.94
C HIS B 327 -18.78 -28.83 0.00
N ALA B 328 -17.56 -29.16 0.39
CA ALA B 328 -16.34 -28.97 -0.44
C ALA B 328 -16.44 -29.79 -1.74
N HIS B 329 -17.22 -30.86 -1.74
CA HIS B 329 -17.45 -31.78 -2.88
C HIS B 329 -18.66 -31.35 -3.71
N ALA B 330 -19.43 -30.36 -3.25
CA ALA B 330 -20.63 -29.83 -3.95
C ALA B 330 -20.28 -28.58 -4.75
N LEU B 331 -19.52 -27.66 -4.15
CA LEU B 331 -19.12 -26.40 -4.83
C LEU B 331 -18.18 -26.73 -5.99
N SER B 332 -17.92 -25.75 -6.84
CA SER B 332 -16.91 -25.81 -7.92
C SER B 332 -15.79 -24.84 -7.56
N MET B 333 -14.55 -25.31 -7.62
CA MET B 333 -13.33 -24.49 -7.42
C MET B 333 -12.45 -24.60 -8.67
N SER B 334 -12.04 -23.46 -9.21
CA SER B 334 -11.15 -23.41 -10.40
C SER B 334 -10.06 -22.36 -10.19
N SER B 335 -8.96 -22.51 -10.92
CA SER B 335 -7.89 -21.49 -11.02
C SER B 335 -7.84 -20.97 -12.45
N THR B 336 -8.23 -19.72 -12.64
CA THR B 336 -8.14 -18.99 -13.93
C THR B 336 -6.67 -18.69 -14.25
N LYS B 337 -5.76 -18.87 -13.28
CA LYS B 337 -4.31 -18.71 -13.53
C LYS B 337 -3.80 -19.86 -14.41
N SER B 338 -4.56 -20.95 -14.53
CA SER B 338 -4.27 -22.05 -15.48
C SER B 338 -4.18 -21.49 -16.91
N MET B 339 -4.93 -20.41 -17.18
CA MET B 339 -5.02 -19.72 -18.50
C MET B 339 -4.27 -18.40 -18.48
N THR B 340 -4.42 -17.57 -17.43
CA THR B 340 -3.88 -16.18 -17.41
C THR B 340 -2.45 -16.13 -16.88
N GLY B 341 -2.02 -17.19 -16.20
CA GLY B 341 -0.85 -17.15 -15.29
C GLY B 341 -1.13 -16.19 -14.17
N HIS B 342 -0.09 -15.76 -13.48
CA HIS B 342 -0.20 -15.08 -12.18
C HIS B 342 0.10 -13.61 -12.37
N LEU B 343 -0.91 -12.75 -12.26
CA LEU B 343 -0.76 -11.28 -12.47
C LEU B 343 -0.29 -10.58 -11.19
N LEU B 344 0.14 -11.34 -10.20
CA LEU B 344 0.78 -10.85 -8.96
C LEU B 344 -0.17 -9.86 -8.26
N GLY B 345 0.23 -8.60 -8.07
CA GLY B 345 -0.62 -7.57 -7.44
C GLY B 345 -1.93 -7.32 -8.18
N ALA B 346 -2.04 -7.74 -9.45
CA ALA B 346 -3.28 -7.61 -10.26
C ALA B 346 -4.14 -8.89 -10.18
N ALA B 347 -3.55 -10.03 -9.79
CA ALA B 347 -4.24 -11.35 -9.76
C ALA B 347 -5.62 -11.21 -9.11
N GLY B 348 -5.71 -10.60 -7.93
CA GLY B 348 -6.96 -10.49 -7.16
C GLY B 348 -8.02 -9.62 -7.82
N ALA B 349 -7.61 -8.62 -8.60
CA ALA B 349 -8.51 -7.67 -9.30
C ALA B 349 -9.15 -8.39 -10.51
N VAL B 350 -8.35 -9.06 -11.34
CA VAL B 350 -8.89 -9.76 -12.55
C VAL B 350 -9.75 -10.91 -12.09
N GLU B 351 -9.39 -11.56 -10.99
CA GLU B 351 -10.11 -12.74 -10.46
C GLU B 351 -11.41 -12.29 -9.76
N ALA B 352 -11.43 -11.13 -9.11
CA ALA B 352 -12.68 -10.52 -8.63
C ALA B 352 -13.63 -10.36 -9.82
N ILE B 353 -13.14 -9.86 -10.96
CA ILE B 353 -13.97 -9.63 -12.18
C ILE B 353 -14.47 -10.98 -12.72
N PHE B 354 -13.60 -12.00 -12.82
CA PHE B 354 -13.98 -13.35 -13.32
C PHE B 354 -15.05 -13.97 -12.40
N SER B 355 -14.95 -13.74 -11.08
CA SER B 355 -15.93 -14.25 -10.07
C SER B 355 -17.30 -13.57 -10.30
N VAL B 356 -17.30 -12.26 -10.55
CA VAL B 356 -18.53 -11.46 -10.81
C VAL B 356 -19.16 -11.97 -12.10
N LEU B 357 -18.36 -12.29 -13.11
CA LEU B 357 -18.87 -12.75 -14.43
C LEU B 357 -19.38 -14.20 -14.32
N ALA B 358 -18.78 -15.03 -13.45
CA ALA B 358 -19.23 -16.41 -13.15
C ALA B 358 -20.68 -16.35 -12.64
N LEU B 359 -20.98 -15.34 -11.82
CA LEU B 359 -22.35 -15.07 -11.30
C LEU B 359 -23.25 -14.59 -12.44
N ARG B 360 -22.84 -13.56 -13.19
CA ARG B 360 -23.63 -12.97 -14.31
C ARG B 360 -24.03 -14.09 -15.29
N ASP B 361 -23.12 -15.01 -15.63
CA ASP B 361 -23.32 -15.97 -16.75
C ASP B 361 -23.60 -17.36 -16.20
N GLN B 362 -23.57 -17.56 -14.88
CA GLN B 362 -23.90 -18.86 -14.24
C GLN B 362 -23.01 -19.93 -14.86
N VAL B 363 -21.70 -19.72 -14.82
CA VAL B 363 -20.71 -20.67 -15.38
C VAL B 363 -19.43 -20.62 -14.56
N ALA B 364 -18.89 -21.78 -14.20
CA ALA B 364 -17.57 -21.94 -13.55
C ALA B 364 -16.48 -21.99 -14.61
N PRO B 365 -15.56 -21.00 -14.64
CA PRO B 365 -14.40 -21.05 -15.51
C PRO B 365 -13.60 -22.32 -15.27
N PRO B 366 -12.90 -22.84 -16.30
CA PRO B 366 -12.13 -24.07 -16.16
C PRO B 366 -10.77 -23.91 -15.48
N THR B 367 -10.26 -25.02 -14.90
CA THR B 367 -8.83 -25.24 -14.61
C THR B 367 -8.25 -26.03 -15.79
N ILE B 368 -7.61 -25.36 -16.76
CA ILE B 368 -6.98 -26.05 -17.91
C ILE B 368 -5.70 -26.75 -17.42
N ASN B 369 -5.22 -27.73 -18.18
CA ASN B 369 -3.95 -28.48 -17.97
C ASN B 369 -4.05 -29.44 -16.78
N LEU B 370 -5.23 -29.57 -16.16
CA LEU B 370 -5.42 -30.49 -15.01
C LEU B 370 -5.56 -31.93 -15.54
N ASP B 371 -4.48 -32.49 -16.09
CA ASP B 371 -4.49 -33.82 -16.75
C ASP B 371 -4.46 -34.90 -15.67
N ASN B 372 -3.74 -34.67 -14.57
CA ASN B 372 -3.53 -35.70 -13.50
C ASN B 372 -3.59 -35.02 -12.14
N PRO B 373 -4.79 -34.89 -11.54
CA PRO B 373 -4.93 -34.24 -10.24
C PRO B 373 -4.02 -34.93 -9.22
N ASP B 374 -3.38 -34.16 -8.34
CA ASP B 374 -2.39 -34.70 -7.37
C ASP B 374 -3.14 -35.47 -6.27
N GLU B 375 -2.43 -36.19 -5.41
CA GLU B 375 -3.01 -36.88 -4.24
C GLU B 375 -3.81 -35.85 -3.45
N GLY B 376 -5.09 -36.16 -3.18
CA GLY B 376 -5.98 -35.38 -2.30
C GLY B 376 -6.65 -34.21 -2.99
N CYS B 377 -6.40 -34.02 -4.30
CA CYS B 377 -6.97 -32.94 -5.13
C CYS B 377 -8.26 -33.45 -5.80
N ASP B 378 -9.19 -34.00 -5.00
CA ASP B 378 -10.33 -34.85 -5.43
C ASP B 378 -11.64 -34.05 -5.46
N LEU B 379 -11.57 -32.72 -5.39
CA LEU B 379 -12.74 -31.81 -5.46
C LEU B 379 -13.13 -31.63 -6.93
N ASP B 380 -14.32 -31.06 -7.18
CA ASP B 380 -14.70 -30.54 -8.51
C ASP B 380 -13.82 -29.32 -8.80
N LEU B 381 -12.71 -29.52 -9.52
CA LEU B 381 -11.77 -28.43 -9.88
C LEU B 381 -12.04 -27.90 -11.29
N VAL B 382 -13.16 -28.32 -11.90
CA VAL B 382 -13.62 -27.83 -13.23
C VAL B 382 -12.49 -28.09 -14.23
N ALA B 383 -12.01 -29.34 -14.30
CA ALA B 383 -10.85 -29.69 -15.16
C ALA B 383 -11.24 -29.47 -16.62
N HIS B 384 -10.38 -28.78 -17.38
CA HIS B 384 -10.34 -28.68 -18.87
C HIS B 384 -11.34 -27.66 -19.41
N GLU B 385 -12.61 -27.71 -19.00
CA GLU B 385 -13.74 -27.07 -19.73
C GLU B 385 -14.67 -26.34 -18.75
N ALA B 386 -15.17 -25.19 -19.19
CA ALA B 386 -16.12 -24.33 -18.45
C ALA B 386 -17.33 -25.18 -18.08
N LYS B 387 -17.89 -24.97 -16.89
CA LYS B 387 -19.07 -25.75 -16.41
C LYS B 387 -20.19 -24.77 -16.11
N PRO B 388 -21.23 -24.69 -16.97
CA PRO B 388 -22.48 -24.00 -16.65
C PRO B 388 -23.10 -24.66 -15.42
N ARG B 389 -23.45 -23.81 -14.45
CA ARG B 389 -24.01 -24.34 -13.19
C ARG B 389 -24.62 -23.18 -12.40
N LYS B 390 -25.38 -23.56 -11.38
CA LYS B 390 -25.99 -22.55 -10.51
C LYS B 390 -24.90 -21.92 -9.64
N ILE B 391 -24.85 -20.59 -9.64
CA ILE B 391 -23.89 -19.88 -8.75
C ILE B 391 -24.64 -18.67 -8.16
N ASP B 392 -24.95 -18.74 -6.87
CA ASP B 392 -25.58 -17.56 -6.22
C ASP B 392 -24.51 -16.77 -5.45
N VAL B 393 -23.48 -17.46 -4.99
CA VAL B 393 -22.38 -16.81 -4.23
C VAL B 393 -21.05 -17.32 -4.77
N ALA B 394 -20.14 -16.43 -5.09
CA ALA B 394 -18.77 -16.72 -5.57
C ALA B 394 -17.77 -16.15 -4.59
N LEU B 395 -16.70 -16.88 -4.35
CA LEU B 395 -15.61 -16.50 -3.42
C LEU B 395 -14.31 -16.45 -4.24
N SER B 396 -13.47 -15.45 -4.02
CA SER B 396 -12.11 -15.32 -4.61
C SER B 396 -11.05 -15.18 -3.51
N ASN B 397 -10.03 -16.03 -3.55
CA ASN B 397 -8.89 -16.03 -2.59
C ASN B 397 -7.62 -15.47 -3.24
N SER B 398 -6.81 -14.80 -2.42
CA SER B 398 -5.41 -14.40 -2.73
C SER B 398 -4.58 -14.62 -1.48
N PHE B 399 -3.39 -15.21 -1.62
CA PHE B 399 -2.38 -15.43 -0.55
C PHE B 399 -1.04 -14.87 -1.05
N GLY B 400 -0.28 -14.23 -0.16
CA GLY B 400 0.91 -13.44 -0.50
C GLY B 400 2.08 -13.73 0.44
N PHE B 401 3.28 -13.31 0.02
CA PHE B 401 4.49 -13.25 0.87
C PHE B 401 4.16 -12.45 2.12
N GLY B 402 4.68 -12.90 3.27
CA GLY B 402 4.39 -12.33 4.60
C GLY B 402 3.22 -13.06 5.24
N GLY B 403 2.73 -14.12 4.61
CA GLY B 403 1.56 -14.88 5.11
C GLY B 403 0.28 -14.07 5.04
N THR B 404 0.19 -13.07 4.16
CA THR B 404 -0.98 -12.18 4.04
C THR B 404 -2.06 -12.86 3.18
N ASN B 405 -3.31 -12.89 3.67
CA ASN B 405 -4.48 -13.58 3.07
C ASN B 405 -5.61 -12.58 2.83
N GLY B 406 -6.35 -12.78 1.73
CA GLY B 406 -7.55 -12.00 1.43
C GLY B 406 -8.61 -12.91 0.81
N THR B 407 -9.88 -12.70 1.15
CA THR B 407 -11.03 -13.42 0.55
C THR B 407 -12.12 -12.39 0.23
N LEU B 408 -12.71 -12.48 -0.96
CA LEU B 408 -13.84 -11.63 -1.38
C LEU B 408 -15.02 -12.55 -1.64
N VAL B 409 -16.20 -12.19 -1.12
CA VAL B 409 -17.45 -12.97 -1.33
C VAL B 409 -18.43 -12.05 -2.06
N PHE B 410 -18.85 -12.48 -3.25
CA PHE B 410 -19.82 -11.77 -4.12
C PHE B 410 -21.07 -12.63 -4.20
N ARG B 411 -22.25 -12.01 -4.29
CA ARG B 411 -23.51 -12.76 -4.55
C ARG B 411 -24.31 -12.05 -5.65
N ARG B 412 -25.15 -12.82 -6.35
CA ARG B 412 -26.07 -12.30 -7.40
C ARG B 412 -26.93 -11.23 -6.74
N PHE B 413 -27.13 -10.10 -7.40
CA PHE B 413 -27.92 -9.00 -6.79
C PHE B 413 -29.39 -9.17 -7.17
N ALA B 414 -30.25 -9.34 -6.15
CA ALA B 414 -31.69 -9.69 -6.17
C ALA B 414 -32.28 -9.54 -7.58
#